data_1U0G
#
_entry.id   1U0G
#
_cell.length_a   68.8
_cell.length_b   115.6
_cell.length_c   73.2
_cell.angle_alpha   90.0
_cell.angle_beta   100.2
_cell.angle_gamma   90.0
#
_symmetry.space_group_name_H-M   'P 1 21 1'
#
loop_
_entity.id
_entity.type
_entity.pdbx_description
1 polymer 'Glucose-6-phosphate isomerase'
2 non-polymer 'SULFATE ION'
3 non-polymer ERYTHOSE-4-PHOSPHATE
4 non-polymer BETA-MERCAPTOETHANOL
5 non-polymer GLYCEROL
6 water water
#
_entity_poly.entity_id   1
_entity_poly.type   'polypeptide(L)'
_entity_poly.pdbx_seq_one_letter_code
;MAALTRNPQFQKLLEWHRANSANLKLRELFEADPERFNNFSLNLNTNHGHILVDYSKNLVNKEVMQMLVELAKSRGVEAA
RDNMFSGSKINYTEDRAVLHVALRNRSNTPIKVDGKDVMPEVNRVLDKMKSFCQRVRSGDWKGYTGKSITDIINIGIGGS
DLGPLMVTEALKPYSKGGPRVWFVSNIDGTHIAKTLASLSPETSLFIIASKTFTTQETITNAETAKEWFLEAAKDPSAVA
KHFVALSTNTAKVKEFGIDPQNMLEFWDWVGGRYSLWSAIGLSIALHVGFDHFEQLLSGAHWMDQHFLKTPLEKNAPVLL
ALLGIWYINCYGCETHALLPYDQYMHRFAAYFQQGDMESNGKYITKSGARVDHQTGPIVWGEPGTNGQHAFYQLIHQGTK
MIPCDFLIPVQTQHPIRKGLHHKILLANFLAQTEALMKGKLPEEARKELQAAGKSPEDLEKLLPHKVFEGNRPTNSIVFT
KLTPFILGALIAMYEHKIFVQGIMWDINSFDQWGVELGKQLAKKIEPELEGSSAVTSHDSSTNGLISFIKQQRDTKLEHH
HHHH
;
_entity_poly.pdbx_strand_id   A,B
#
# COMPACT_ATOMS: atom_id res chain seq x y z
N ALA A 2 -19.32 -26.85 -2.49
CA ALA A 2 -17.95 -26.48 -2.98
C ALA A 2 -16.98 -27.65 -2.77
N ALA A 3 -16.08 -27.85 -3.74
CA ALA A 3 -15.16 -28.99 -3.72
C ALA A 3 -14.25 -29.06 -2.49
N LEU A 4 -13.76 -27.91 -2.02
CA LEU A 4 -12.81 -27.89 -0.90
C LEU A 4 -13.42 -28.43 0.39
N THR A 5 -14.58 -27.89 0.77
CA THR A 5 -15.20 -28.25 2.05
C THR A 5 -15.76 -29.67 2.05
N ARG A 6 -15.99 -30.24 0.86
CA ARG A 6 -16.45 -31.63 0.72
C ARG A 6 -15.29 -32.62 0.81
N ASN A 7 -14.06 -32.10 0.73
CA ASN A 7 -12.86 -32.91 0.69
C ASN A 7 -12.52 -33.47 2.07
N PRO A 8 -12.34 -34.80 2.17
CA PRO A 8 -12.06 -35.47 3.44
C PRO A 8 -10.73 -35.07 4.08
N GLN A 9 -9.74 -34.75 3.26
CA GLN A 9 -8.44 -34.29 3.76
C GLN A 9 -8.58 -32.89 4.36
N PHE A 10 -9.45 -32.08 3.77
CA PHE A 10 -9.73 -30.75 4.31
C PHE A 10 -10.47 -30.84 5.62
N GLN A 11 -11.50 -31.69 5.65
CA GLN A 11 -12.28 -31.91 6.85
C GLN A 11 -11.38 -32.38 8.02
N LYS A 12 -10.44 -33.26 7.69
CA LYS A 12 -9.48 -33.78 8.67
C LYS A 12 -8.60 -32.66 9.22
N LEU A 13 -8.12 -31.80 8.32
CA LEU A 13 -7.29 -30.66 8.68
C LEU A 13 -8.02 -29.67 9.60
N LEU A 14 -9.27 -29.37 9.25
CA LEU A 14 -10.10 -28.44 10.00
C LEU A 14 -10.38 -28.99 11.39
N GLU A 15 -10.68 -30.28 11.45
CA GLU A 15 -10.94 -30.94 12.73
C GLU A 15 -9.69 -30.97 13.62
N TRP A 16 -8.53 -31.19 13.02
CA TRP A 16 -7.27 -31.16 13.76
C TRP A 16 -7.02 -29.77 14.34
N HIS A 17 -7.24 -28.74 13.52
CA HIS A 17 -7.05 -27.35 13.94
C HIS A 17 -7.95 -27.03 15.13
N ARG A 18 -9.24 -27.33 14.99
CA ARG A 18 -10.23 -27.10 16.05
C ARG A 18 -9.82 -27.74 17.38
N ALA A 19 -9.29 -28.97 17.34
CA ALA A 19 -8.94 -29.69 18.56
C ALA A 19 -7.56 -29.33 19.13
N ASN A 20 -6.63 -28.91 18.28
CA ASN A 20 -5.20 -28.82 18.63
C ASN A 20 -4.53 -27.46 18.48
N SER A 21 -5.11 -26.56 17.68
CA SER A 21 -4.43 -25.31 17.34
C SER A 21 -4.08 -24.41 18.53
N ALA A 22 -4.98 -24.37 19.51
CA ALA A 22 -4.78 -23.59 20.73
C ALA A 22 -3.55 -23.99 21.54
N ASN A 23 -3.01 -25.17 21.26
CA ASN A 23 -1.83 -25.69 21.96
C ASN A 23 -0.52 -25.40 21.23
N LEU A 24 -0.61 -24.86 20.01
CA LEU A 24 0.57 -24.52 19.23
C LEU A 24 1.09 -23.16 19.68
N LYS A 25 2.32 -23.14 20.17
CA LYS A 25 2.97 -21.93 20.63
C LYS A 25 4.36 -21.92 20.02
N LEU A 26 4.65 -20.93 19.19
CA LEU A 26 5.92 -20.87 18.46
C LEU A 26 7.13 -21.01 19.39
N ARG A 27 7.10 -20.29 20.52
CA ARG A 27 8.21 -20.29 21.47
C ARG A 27 8.52 -21.71 21.92
N GLU A 28 7.46 -22.44 22.26
CA GLU A 28 7.55 -23.81 22.74
C GLU A 28 7.96 -24.80 21.66
N LEU A 29 7.49 -24.57 20.42
CA LEU A 29 7.90 -25.40 19.29
C LEU A 29 9.40 -25.35 19.06
N PHE A 30 9.98 -24.16 19.19
CA PHE A 30 11.42 -23.99 19.05
C PHE A 30 12.18 -24.58 20.22
N GLU A 31 11.70 -24.36 21.44
CA GLU A 31 12.32 -24.97 22.63
C GLU A 31 12.36 -26.50 22.56
N ALA A 32 11.30 -27.10 22.03
CA ALA A 32 11.15 -28.56 22.01
C ALA A 32 11.92 -29.26 20.89
N ASP A 33 12.33 -28.50 19.87
CA ASP A 33 12.92 -29.08 18.67
C ASP A 33 14.11 -28.26 18.17
N PRO A 34 15.34 -28.66 18.56
CA PRO A 34 16.57 -28.00 18.10
C PRO A 34 16.75 -28.01 16.57
N GLU A 35 16.13 -28.98 15.91
CA GLU A 35 16.24 -29.12 14.46
C GLU A 35 15.11 -28.40 13.70
N ARG A 36 14.39 -27.52 14.37
CA ARG A 36 13.20 -26.91 13.75
C ARG A 36 13.50 -26.16 12.45
N PHE A 37 14.51 -25.28 12.48
CA PHE A 37 14.91 -24.56 11.27
C PHE A 37 15.29 -25.52 10.16
N ASN A 38 16.12 -26.51 10.47
CA ASN A 38 16.60 -27.48 9.48
C ASN A 38 15.46 -28.22 8.80
N ASN A 39 14.44 -28.59 9.57
CA ASN A 39 13.33 -29.38 9.05
C ASN A 39 12.18 -28.56 8.47
N PHE A 40 12.18 -27.25 8.66
CA PHE A 40 11.08 -26.41 8.18
C PHE A 40 11.61 -25.24 7.34
N SER A 41 12.60 -25.53 6.50
CA SER A 41 13.15 -24.56 5.56
C SER A 41 13.58 -25.23 4.27
N LEU A 42 13.67 -24.43 3.20
CA LEU A 42 14.15 -24.91 1.91
C LEU A 42 15.26 -23.98 1.44
N ASN A 43 16.44 -24.54 1.22
CA ASN A 43 17.55 -23.77 0.69
C ASN A 43 17.70 -24.12 -0.78
N LEU A 44 17.22 -23.22 -1.65
CA LEU A 44 17.24 -23.48 -3.09
C LEU A 44 18.49 -22.90 -3.75
N ASN A 45 19.25 -23.76 -4.42
CA ASN A 45 20.39 -23.32 -5.21
C ASN A 45 20.01 -23.22 -6.67
N THR A 46 19.93 -21.99 -7.17
CA THR A 46 19.55 -21.76 -8.57
C THR A 46 20.76 -21.81 -9.50
N ASN A 47 21.95 -21.94 -8.93
CA ASN A 47 23.23 -21.80 -9.63
C ASN A 47 23.55 -20.36 -10.06
N HIS A 48 22.64 -19.45 -9.73
CA HIS A 48 22.86 -18.01 -9.89
C HIS A 48 22.42 -17.29 -8.62
N GLY A 49 22.66 -17.94 -7.49
CA GLY A 49 22.27 -17.42 -6.18
C GLY A 49 21.38 -18.42 -5.48
N HIS A 50 21.32 -18.31 -4.17
CA HIS A 50 20.45 -19.17 -3.38
C HIS A 50 19.22 -18.39 -2.94
N ILE A 51 18.12 -19.12 -2.77
CA ILE A 51 16.91 -18.56 -2.14
C ILE A 51 16.55 -19.48 -0.99
N LEU A 52 16.63 -18.96 0.22
CA LEU A 52 16.23 -19.70 1.41
C LEU A 52 14.79 -19.33 1.78
N VAL A 53 13.93 -20.34 1.79
CA VAL A 53 12.54 -20.16 2.22
C VAL A 53 12.40 -20.77 3.61
N ASP A 54 12.49 -19.92 4.62
CA ASP A 54 12.42 -20.36 6.01
C ASP A 54 11.00 -20.18 6.51
N TYR A 55 10.29 -21.30 6.61
CA TYR A 55 8.91 -21.28 7.07
C TYR A 55 8.77 -21.87 8.47
N SER A 56 9.89 -21.89 9.20
CA SER A 56 9.90 -22.51 10.52
C SER A 56 9.17 -21.69 11.60
N LYS A 57 9.02 -20.39 11.38
CA LYS A 57 8.32 -19.54 12.35
C LYS A 57 6.80 -19.54 12.12
N ASN A 58 6.28 -20.70 11.71
CA ASN A 58 4.86 -20.86 11.46
C ASN A 58 4.21 -21.81 12.46
N LEU A 59 2.90 -21.65 12.62
CA LEU A 59 2.14 -22.44 13.60
C LEU A 59 1.81 -23.81 13.00
N VAL A 60 2.87 -24.58 12.78
CA VAL A 60 2.78 -25.90 12.17
C VAL A 60 3.78 -26.85 12.81
N ASN A 61 3.49 -28.14 12.65
CA ASN A 61 4.43 -29.19 13.01
C ASN A 61 4.43 -30.23 11.90
N LYS A 62 5.08 -31.37 12.17
CA LYS A 62 5.19 -32.45 11.20
C LYS A 62 3.82 -32.90 10.69
N GLU A 63 2.88 -33.17 11.61
CA GLU A 63 1.56 -33.68 11.19
C GLU A 63 0.76 -32.66 10.40
N VAL A 64 0.86 -31.38 10.77
CA VAL A 64 0.13 -30.34 10.04
C VAL A 64 0.62 -30.27 8.59
N MET A 65 1.93 -30.23 8.40
CA MET A 65 2.49 -30.17 7.05
C MET A 65 2.10 -31.40 6.22
N GLN A 66 2.13 -32.58 6.85
CA GLN A 66 1.71 -33.83 6.22
C GLN A 66 0.27 -33.73 5.73
N MET A 67 -0.62 -33.27 6.61
CA MET A 67 -2.04 -33.12 6.29
C MET A 67 -2.24 -32.11 5.16
N LEU A 68 -1.46 -31.03 5.19
CA LEU A 68 -1.52 -30.00 4.14
C LEU A 68 -1.07 -30.53 2.79
N VAL A 69 0.03 -31.28 2.78
CA VAL A 69 0.53 -31.89 1.55
C VAL A 69 -0.48 -32.90 1.01
N GLU A 70 -1.07 -33.69 1.91
CA GLU A 70 -2.09 -34.65 1.49
C GLU A 70 -3.29 -33.97 0.84
N LEU A 71 -3.70 -32.83 1.41
CA LEU A 71 -4.79 -32.03 0.85
C LEU A 71 -4.48 -31.56 -0.56
N ALA A 72 -3.28 -31.00 -0.76
CA ALA A 72 -2.84 -30.63 -2.11
C ALA A 72 -2.92 -31.79 -3.11
N LYS A 73 -2.49 -32.99 -2.71
CA LYS A 73 -2.61 -34.17 -3.56
C LYS A 73 -4.07 -34.47 -3.87
N SER A 74 -4.90 -34.49 -2.82
CA SER A 74 -6.33 -34.81 -2.92
C SER A 74 -7.08 -33.82 -3.80
N ARG A 75 -6.61 -32.58 -3.82
CA ARG A 75 -7.25 -31.54 -4.64
C ARG A 75 -6.69 -31.47 -6.07
N GLY A 76 -5.76 -32.37 -6.40
CA GLY A 76 -5.27 -32.50 -7.76
C GLY A 76 -4.40 -31.34 -8.25
N VAL A 77 -3.57 -30.81 -7.34
CA VAL A 77 -2.67 -29.70 -7.67
C VAL A 77 -1.68 -30.08 -8.77
N GLU A 78 -1.08 -31.26 -8.66
CA GLU A 78 -0.08 -31.73 -9.63
C GLU A 78 -0.63 -31.86 -11.05
N ALA A 79 -1.79 -32.49 -11.19
CA ALA A 79 -2.46 -32.62 -12.49
C ALA A 79 -2.82 -31.26 -13.09
N ALA A 80 -3.35 -30.36 -12.26
CA ALA A 80 -3.74 -29.03 -12.70
C ALA A 80 -2.51 -28.24 -13.17
N ARG A 81 -1.43 -28.33 -12.40
CA ARG A 81 -0.16 -27.69 -12.78
C ARG A 81 0.29 -28.20 -14.14
N ASP A 82 0.34 -29.52 -14.31
CA ASP A 82 0.77 -30.12 -15.57
C ASP A 82 -0.09 -29.61 -16.73
N ASN A 83 -1.40 -29.49 -16.49
CA ASN A 83 -2.31 -28.99 -17.51
C ASN A 83 -2.01 -27.55 -17.91
N MET A 84 -1.75 -26.69 -16.93
CA MET A 84 -1.32 -25.32 -17.24
C MET A 84 -0.10 -25.32 -18.17
N PHE A 85 0.95 -26.03 -17.77
CA PHE A 85 2.22 -26.05 -18.49
C PHE A 85 2.13 -26.61 -19.91
N SER A 86 1.14 -27.46 -20.17
CA SER A 86 1.01 -28.13 -21.47
C SER A 86 0.08 -27.41 -22.45
N GLY A 87 -0.46 -26.28 -22.02
CA GLY A 87 -1.31 -25.46 -22.87
C GLY A 87 -2.78 -25.82 -22.86
N SER A 88 -3.21 -26.60 -21.87
CA SER A 88 -4.64 -26.88 -21.68
C SER A 88 -5.40 -25.59 -21.36
N LYS A 89 -6.64 -25.52 -21.84
CA LYS A 89 -7.46 -24.31 -21.66
C LYS A 89 -8.08 -24.23 -20.26
N ILE A 90 -7.20 -24.08 -19.26
CA ILE A 90 -7.60 -24.15 -17.84
C ILE A 90 -8.33 -22.90 -17.35
N ASN A 91 -8.29 -21.84 -18.14
CA ASN A 91 -9.14 -20.66 -17.91
C ASN A 91 -10.46 -20.99 -18.58
N TYR A 92 -11.33 -21.68 -17.84
CA TYR A 92 -12.52 -22.30 -18.42
C TYR A 92 -13.67 -21.34 -18.68
N THR A 93 -13.70 -20.20 -17.98
CA THR A 93 -14.78 -19.24 -18.23
C THR A 93 -14.56 -18.46 -19.52
N GLU A 94 -13.30 -18.26 -19.88
CA GLU A 94 -12.97 -17.57 -21.13
C GLU A 94 -12.49 -18.51 -22.22
N ASP A 95 -12.40 -19.80 -21.89
CA ASP A 95 -11.89 -20.86 -22.76
C ASP A 95 -10.52 -20.51 -23.34
N ARG A 96 -9.57 -20.27 -22.46
CA ARG A 96 -8.22 -19.88 -22.85
C ARG A 96 -7.19 -20.74 -22.15
N ALA A 97 -6.03 -20.90 -22.79
CA ALA A 97 -4.87 -21.46 -22.11
C ALA A 97 -4.34 -20.42 -21.12
N VAL A 98 -3.40 -20.83 -20.27
CA VAL A 98 -2.81 -19.94 -19.27
C VAL A 98 -1.31 -20.17 -19.39
N LEU A 99 -0.64 -19.30 -20.14
CA LEU A 99 0.70 -19.63 -20.59
C LEU A 99 1.75 -18.55 -20.39
N HIS A 100 1.70 -17.88 -19.24
CA HIS A 100 2.83 -17.02 -18.88
C HIS A 100 4.13 -17.83 -18.77
N VAL A 101 4.02 -19.13 -18.45
CA VAL A 101 5.23 -19.96 -18.39
C VAL A 101 5.88 -20.13 -19.78
N ALA A 102 5.08 -20.00 -20.84
CA ALA A 102 5.60 -20.12 -22.21
C ALA A 102 6.46 -18.90 -22.57
N LEU A 103 6.06 -17.75 -22.04
CA LEU A 103 6.75 -16.49 -22.31
C LEU A 103 8.23 -16.54 -21.93
N ARG A 104 8.53 -17.26 -20.85
CA ARG A 104 9.90 -17.37 -20.33
C ARG A 104 10.47 -18.77 -20.50
N ASN A 105 9.91 -19.54 -21.44
CA ASN A 105 10.33 -20.92 -21.64
C ASN A 105 11.68 -21.00 -22.39
N ARG A 106 12.76 -20.79 -21.63
CA ARG A 106 14.11 -20.68 -22.19
C ARG A 106 14.58 -21.99 -22.83
N SER A 107 13.97 -23.09 -22.42
CA SER A 107 14.30 -24.41 -22.95
C SER A 107 13.78 -24.62 -24.37
N ASN A 108 12.78 -23.81 -24.74
CA ASN A 108 12.12 -23.86 -26.04
C ASN A 108 11.44 -25.17 -26.39
N THR A 109 11.15 -25.98 -25.38
CA THR A 109 10.36 -27.19 -25.59
C THR A 109 8.98 -26.76 -26.07
N PRO A 110 8.38 -27.52 -26.99
CA PRO A 110 7.08 -27.16 -27.55
C PRO A 110 5.98 -27.02 -26.48
N ILE A 111 5.17 -25.98 -26.62
CA ILE A 111 3.92 -25.87 -25.87
C ILE A 111 2.83 -25.53 -26.87
N LYS A 112 1.89 -26.46 -27.05
CA LYS A 112 0.86 -26.32 -28.07
C LYS A 112 -0.45 -25.76 -27.55
N VAL A 113 -0.97 -24.77 -28.27
CA VAL A 113 -2.35 -24.32 -28.11
C VAL A 113 -3.03 -24.59 -29.45
N ASP A 114 -4.20 -25.22 -29.41
CA ASP A 114 -4.98 -25.53 -30.61
C ASP A 114 -4.15 -26.31 -31.64
N GLY A 115 -3.28 -27.19 -31.14
CA GLY A 115 -2.43 -28.02 -31.97
C GLY A 115 -1.14 -27.41 -32.50
N LYS A 116 -0.91 -26.13 -32.16
CA LYS A 116 0.25 -25.39 -32.68
C LYS A 116 1.18 -24.93 -31.57
N ASP A 117 2.47 -25.17 -31.76
CA ASP A 117 3.50 -24.74 -30.81
C ASP A 117 3.55 -23.20 -30.76
N VAL A 118 3.44 -22.64 -29.56
CA VAL A 118 3.46 -21.18 -29.37
C VAL A 118 4.86 -20.59 -29.31
N MET A 119 5.87 -21.43 -29.15
CA MET A 119 7.24 -20.96 -28.93
C MET A 119 7.84 -20.11 -30.06
N PRO A 120 7.68 -20.51 -31.33
CA PRO A 120 8.16 -19.67 -32.45
C PRO A 120 7.65 -18.22 -32.39
N GLU A 121 6.36 -18.02 -32.10
CA GLU A 121 5.81 -16.67 -32.00
C GLU A 121 6.29 -15.91 -30.76
N VAL A 122 6.42 -16.60 -29.62
CA VAL A 122 7.01 -16.03 -28.41
C VAL A 122 8.42 -15.51 -28.72
N ASN A 123 9.22 -16.38 -29.34
CA ASN A 123 10.61 -16.06 -29.61
C ASN A 123 10.76 -14.99 -30.69
N ARG A 124 9.87 -14.98 -31.67
CA ARG A 124 9.86 -13.95 -32.70
C ARG A 124 9.65 -12.57 -32.08
N VAL A 125 8.67 -12.46 -31.17
CA VAL A 125 8.41 -11.18 -30.52
C VAL A 125 9.61 -10.75 -29.64
N LEU A 126 10.21 -11.71 -28.94
CA LEU A 126 11.39 -11.44 -28.13
C LEU A 126 12.54 -10.91 -28.98
N ASP A 127 12.72 -11.50 -30.17
CA ASP A 127 13.75 -11.07 -31.11
C ASP A 127 13.50 -9.62 -31.54
N LYS A 128 12.23 -9.30 -31.79
CA LYS A 128 11.83 -7.95 -32.16
C LYS A 128 12.06 -6.94 -31.04
N MET A 129 11.76 -7.34 -29.79
CA MET A 129 12.04 -6.51 -28.63
C MET A 129 13.53 -6.23 -28.52
N LYS A 130 14.35 -7.27 -28.72
CA LYS A 130 15.80 -7.17 -28.62
C LYS A 130 16.33 -6.14 -29.61
N SER A 131 15.91 -6.27 -30.86
CA SER A 131 16.29 -5.35 -31.93
C SER A 131 15.91 -3.91 -31.61
N PHE A 132 14.66 -3.70 -31.21
CA PHE A 132 14.17 -2.36 -30.88
C PHE A 132 14.95 -1.72 -29.71
N CYS A 133 15.18 -2.49 -28.65
CA CYS A 133 15.92 -2.00 -27.48
C CYS A 133 17.33 -1.55 -27.87
N GLN A 134 18.00 -2.33 -28.71
CA GLN A 134 19.36 -1.99 -29.17
C GLN A 134 19.34 -0.67 -29.93
N ARG A 135 18.36 -0.51 -30.82
CA ARG A 135 18.24 0.70 -31.63
C ARG A 135 17.94 1.94 -30.77
N VAL A 136 17.07 1.78 -29.78
CA VAL A 136 16.73 2.90 -28.89
C VAL A 136 17.87 3.24 -27.91
N ARG A 137 18.39 2.22 -27.22
CA ARG A 137 19.39 2.46 -26.16
C ARG A 137 20.72 2.96 -26.72
N SER A 138 21.04 2.55 -27.95
CA SER A 138 22.29 2.95 -28.59
C SER A 138 22.25 4.40 -29.06
N GLY A 139 21.03 4.96 -29.17
CA GLY A 139 20.83 6.30 -29.69
C GLY A 139 20.61 6.33 -31.19
N ASP A 140 20.65 5.16 -31.82
CA ASP A 140 20.42 5.02 -33.26
C ASP A 140 19.01 5.49 -33.66
N TRP A 141 18.00 5.07 -32.89
CA TRP A 141 16.60 5.46 -33.13
C TRP A 141 16.41 6.95 -32.86
N LYS A 142 15.97 7.69 -33.87
CA LYS A 142 15.81 9.14 -33.76
C LYS A 142 14.37 9.59 -33.74
N GLY A 143 14.11 10.66 -32.98
CA GLY A 143 12.82 11.31 -32.98
C GLY A 143 12.61 12.16 -34.23
N TYR A 144 11.49 12.85 -34.29
CA TYR A 144 11.08 13.55 -35.51
C TYR A 144 11.94 14.77 -35.84
N THR A 145 12.72 15.26 -34.87
CA THR A 145 13.69 16.31 -35.16
C THR A 145 15.11 15.77 -35.27
N GLY A 146 15.24 14.45 -35.23
CA GLY A 146 16.53 13.81 -35.44
C GLY A 146 17.40 13.71 -34.20
N LYS A 147 16.77 13.73 -33.02
CA LYS A 147 17.45 13.57 -31.73
C LYS A 147 17.22 12.18 -31.15
N SER A 148 18.21 11.67 -30.43
CA SER A 148 18.09 10.38 -29.74
C SER A 148 17.04 10.46 -28.64
N ILE A 149 16.46 9.30 -28.33
CA ILE A 149 15.41 9.21 -27.30
C ILE A 149 16.00 9.25 -25.90
N THR A 150 15.44 10.10 -25.05
CA THR A 150 15.90 10.23 -23.65
C THR A 150 14.87 9.74 -22.64
N ASP A 151 13.60 9.65 -23.05
CA ASP A 151 12.52 9.30 -22.13
C ASP A 151 11.57 8.30 -22.74
N ILE A 152 11.28 7.23 -22.00
CA ILE A 152 10.30 6.22 -22.36
C ILE A 152 9.08 6.42 -21.46
N ILE A 153 7.89 6.45 -22.05
CA ILE A 153 6.65 6.59 -21.28
C ILE A 153 5.69 5.46 -21.57
N ASN A 154 5.53 4.57 -20.59
CA ASN A 154 4.53 3.53 -20.65
C ASN A 154 3.17 4.09 -20.29
N ILE A 155 2.19 3.88 -21.17
CA ILE A 155 0.80 4.25 -20.89
C ILE A 155 -0.01 2.96 -20.88
N GLY A 156 -0.56 2.64 -19.71
CA GLY A 156 -1.31 1.41 -19.51
C GLY A 156 -1.80 1.36 -18.08
N ILE A 157 -2.71 0.45 -17.78
CA ILE A 157 -3.27 0.40 -16.43
C ILE A 157 -3.37 -1.04 -15.96
N GLY A 158 -3.37 -1.25 -14.64
CA GLY A 158 -3.45 -2.58 -14.08
C GLY A 158 -2.32 -3.45 -14.58
N GLY A 159 -2.65 -4.58 -15.21
CA GLY A 159 -1.69 -5.52 -15.72
C GLY A 159 -0.75 -4.97 -16.78
N SER A 160 -1.17 -3.90 -17.45
CA SER A 160 -0.35 -3.23 -18.45
C SER A 160 0.49 -2.09 -17.85
N ASP A 161 0.57 -2.05 -16.53
CA ASP A 161 1.26 -0.96 -15.82
C ASP A 161 2.16 -1.46 -14.69
N LEU A 162 1.56 -2.16 -13.73
CA LEU A 162 2.22 -2.40 -12.44
C LEU A 162 3.44 -3.31 -12.48
N GLY A 163 3.43 -4.29 -13.39
CA GLY A 163 4.56 -5.18 -13.58
C GLY A 163 5.81 -4.45 -14.04
N PRO A 164 5.76 -3.81 -15.21
CA PRO A 164 6.86 -2.97 -15.69
C PRO A 164 7.29 -1.92 -14.66
N LEU A 165 6.34 -1.28 -13.98
CA LEU A 165 6.66 -0.29 -12.95
C LEU A 165 7.46 -0.94 -11.82
N MET A 166 6.90 -2.01 -11.24
CA MET A 166 7.54 -2.65 -10.08
C MET A 166 8.94 -3.18 -10.43
N VAL A 167 9.06 -3.79 -11.60
CA VAL A 167 10.35 -4.38 -12.01
C VAL A 167 11.41 -3.33 -12.35
N THR A 168 11.05 -2.25 -13.05
CA THR A 168 12.04 -1.19 -13.30
C THR A 168 12.48 -0.50 -12.01
N GLU A 169 11.57 -0.38 -11.06
CA GLU A 169 11.92 0.17 -9.75
C GLU A 169 12.88 -0.78 -9.01
N ALA A 170 12.56 -2.07 -9.00
CA ALA A 170 13.37 -3.08 -8.32
C ALA A 170 14.77 -3.26 -8.93
N LEU A 171 14.87 -3.03 -10.24
CA LEU A 171 16.12 -3.24 -10.96
C LEU A 171 16.78 -1.93 -11.39
N LYS A 172 16.45 -0.84 -10.71
CA LYS A 172 17.02 0.47 -10.98
C LYS A 172 18.56 0.53 -11.16
N PRO A 173 19.35 -0.19 -10.35
CA PRO A 173 20.81 -0.18 -10.52
C PRO A 173 21.29 -0.82 -11.82
N TYR A 174 20.39 -1.49 -12.53
CA TYR A 174 20.74 -2.13 -13.79
C TYR A 174 20.38 -1.25 -14.98
N SER A 175 19.95 -0.02 -14.70
CA SER A 175 19.44 0.91 -15.71
C SER A 175 20.44 2.01 -16.08
N LYS A 176 21.67 1.88 -15.59
CA LYS A 176 22.72 2.84 -15.95
C LYS A 176 22.89 2.91 -17.45
N GLY A 177 23.00 4.12 -17.97
CA GLY A 177 23.11 4.32 -19.40
C GLY A 177 21.77 4.39 -20.12
N GLY A 178 20.78 3.64 -19.63
CA GLY A 178 19.48 3.54 -20.27
C GLY A 178 18.66 4.81 -20.17
N PRO A 179 17.62 4.93 -20.99
CA PRO A 179 16.75 6.12 -20.99
C PRO A 179 15.91 6.15 -19.72
N ARG A 180 15.44 7.33 -19.34
CA ARG A 180 14.53 7.45 -18.21
C ARG A 180 13.21 6.75 -18.53
N VAL A 181 12.55 6.18 -17.52
CA VAL A 181 11.25 5.57 -17.78
C VAL A 181 10.17 6.21 -16.90
N TRP A 182 9.01 6.43 -17.51
CA TRP A 182 7.87 7.01 -16.82
C TRP A 182 6.69 6.10 -16.98
N PHE A 183 5.79 6.12 -15.99
CA PHE A 183 4.59 5.31 -16.06
C PHE A 183 3.36 6.18 -15.87
N VAL A 184 2.52 6.22 -16.90
CA VAL A 184 1.23 6.91 -16.83
C VAL A 184 0.15 5.84 -16.85
N SER A 185 -0.81 5.93 -15.92
CA SER A 185 -1.83 4.88 -15.80
C SER A 185 -3.22 5.40 -15.47
N ASN A 186 -3.30 6.23 -14.43
CA ASN A 186 -4.58 6.78 -14.01
C ASN A 186 -5.23 7.60 -15.10
N ILE A 187 -6.56 7.53 -15.20
CA ILE A 187 -7.27 8.47 -16.08
C ILE A 187 -7.16 9.89 -15.53
N ASP A 188 -7.12 10.02 -14.20
CA ASP A 188 -6.91 11.30 -13.55
C ASP A 188 -5.88 12.10 -14.36
N GLY A 189 -6.32 13.23 -14.93
CA GLY A 189 -5.49 14.07 -15.80
C GLY A 189 -4.17 14.53 -15.20
N THR A 190 -4.12 14.57 -13.88
CA THR A 190 -2.89 14.85 -13.16
C THR A 190 -1.74 13.96 -13.64
N HIS A 191 -2.02 12.68 -13.86
CA HIS A 191 -0.96 11.72 -14.15
C HIS A 191 -0.24 12.04 -15.46
N ILE A 192 -1.00 12.13 -16.56
CA ILE A 192 -0.37 12.49 -17.85
C ILE A 192 0.12 13.93 -17.88
N ALA A 193 -0.64 14.84 -17.27
CA ALA A 193 -0.29 16.27 -17.30
C ALA A 193 1.07 16.56 -16.69
N LYS A 194 1.32 16.04 -15.49
CA LYS A 194 2.57 16.34 -14.79
C LYS A 194 3.75 15.58 -15.42
N THR A 195 3.45 14.45 -16.06
CA THR A 195 4.45 13.69 -16.81
C THR A 195 4.87 14.48 -18.06
N LEU A 196 3.89 14.90 -18.86
CA LEU A 196 4.17 15.63 -20.10
C LEU A 196 4.87 16.97 -19.85
N ALA A 197 4.57 17.57 -18.71
CA ALA A 197 5.14 18.85 -18.32
C ALA A 197 6.66 18.78 -18.22
N SER A 198 7.16 17.56 -17.97
CA SER A 198 8.58 17.31 -17.77
C SER A 198 9.28 16.74 -19.00
N LEU A 199 8.62 16.77 -20.15
CA LEU A 199 9.12 16.10 -21.34
C LEU A 199 9.12 16.98 -22.58
N SER A 200 9.93 16.58 -23.55
CA SER A 200 9.92 17.19 -24.88
C SER A 200 9.38 16.16 -25.88
N PRO A 201 8.47 16.57 -26.76
CA PRO A 201 7.97 15.68 -27.81
C PRO A 201 9.10 15.14 -28.70
N GLU A 202 10.18 15.91 -28.84
CA GLU A 202 11.31 15.54 -29.70
C GLU A 202 12.06 14.29 -29.24
N THR A 203 12.03 14.00 -27.94
CA THR A 203 12.90 12.97 -27.37
C THR A 203 12.16 11.93 -26.51
N SER A 204 10.83 11.94 -26.59
CA SER A 204 9.99 11.04 -25.82
C SER A 204 9.41 9.96 -26.72
N LEU A 205 9.51 8.72 -26.26
CA LEU A 205 8.92 7.58 -26.94
C LEU A 205 7.83 7.00 -26.07
N PHE A 206 6.62 6.96 -26.61
CA PHE A 206 5.46 6.48 -25.88
C PHE A 206 5.20 5.02 -26.19
N ILE A 207 4.94 4.25 -25.13
CA ILE A 207 4.60 2.85 -25.25
C ILE A 207 3.16 2.67 -24.81
N ILE A 208 2.29 2.31 -25.73
CA ILE A 208 0.87 2.15 -25.40
C ILE A 208 0.60 0.67 -25.14
N ALA A 209 0.42 0.36 -23.87
CA ALA A 209 0.35 -1.02 -23.41
C ALA A 209 -1.08 -1.39 -23.07
N SER A 210 -1.69 -2.24 -23.89
CA SER A 210 -3.08 -2.63 -23.72
C SER A 210 -3.41 -3.93 -24.44
N LYS A 211 -3.65 -5.00 -23.67
CA LYS A 211 -4.07 -6.28 -24.24
C LYS A 211 -5.23 -6.11 -25.23
N THR A 212 -6.28 -5.42 -24.80
CA THR A 212 -7.48 -5.22 -25.62
C THR A 212 -7.37 -4.02 -26.56
N PHE A 213 -6.52 -3.07 -26.19
CA PHE A 213 -6.45 -1.77 -26.84
C PHE A 213 -7.79 -1.02 -26.87
N THR A 214 -8.64 -1.25 -25.86
CA THR A 214 -9.91 -0.52 -25.74
C THR A 214 -10.16 0.05 -24.36
N THR A 215 -9.28 -0.25 -23.41
CA THR A 215 -9.45 0.23 -22.03
C THR A 215 -9.53 1.75 -21.99
N GLN A 216 -10.54 2.26 -21.29
CA GLN A 216 -10.85 3.68 -21.35
C GLN A 216 -9.70 4.58 -20.90
N GLU A 217 -9.10 4.27 -19.74
CA GLU A 217 -8.01 5.07 -19.21
C GLU A 217 -6.84 5.12 -20.18
N THR A 218 -6.47 3.96 -20.72
CA THR A 218 -5.28 3.85 -21.57
C THR A 218 -5.44 4.53 -22.92
N ILE A 219 -6.59 4.30 -23.56
CA ILE A 219 -6.85 4.90 -24.86
C ILE A 219 -7.00 6.43 -24.74
N THR A 220 -7.66 6.90 -23.68
CA THR A 220 -7.79 8.34 -23.45
C THR A 220 -6.44 8.97 -23.19
N ASN A 221 -5.66 8.39 -22.27
CA ASN A 221 -4.28 8.83 -22.07
C ASN A 221 -3.44 8.84 -23.34
N ALA A 222 -3.59 7.78 -24.15
CA ALA A 222 -2.82 7.67 -25.40
C ALA A 222 -3.22 8.74 -26.41
N GLU A 223 -4.50 9.04 -26.49
CA GLU A 223 -5.00 10.09 -27.36
C GLU A 223 -4.54 11.49 -26.89
N THR A 224 -4.51 11.70 -25.57
CA THR A 224 -3.98 12.95 -25.02
C THR A 224 -2.50 13.13 -25.34
N ALA A 225 -1.74 12.04 -25.22
CA ALA A 225 -0.31 12.06 -25.54
C ALA A 225 -0.09 12.32 -27.03
N LYS A 226 -0.88 11.66 -27.88
CA LYS A 226 -0.77 11.85 -29.32
C LYS A 226 -1.13 13.28 -29.73
N GLU A 227 -2.15 13.84 -29.09
CA GLU A 227 -2.56 15.23 -29.35
C GLU A 227 -1.43 16.21 -28.98
N TRP A 228 -0.84 15.99 -27.81
CA TRP A 228 0.28 16.79 -27.30
C TRP A 228 1.46 16.68 -28.26
N PHE A 229 1.71 15.46 -28.73
CA PHE A 229 2.81 15.18 -29.64
C PHE A 229 2.62 15.88 -30.99
N LEU A 230 1.43 15.74 -31.56
CA LEU A 230 1.14 16.30 -32.88
C LEU A 230 1.00 17.82 -32.88
N GLU A 231 0.65 18.40 -31.73
CA GLU A 231 0.64 19.85 -31.61
C GLU A 231 2.03 20.42 -31.85
N ALA A 232 3.05 19.63 -31.53
CA ALA A 232 4.44 20.03 -31.70
C ALA A 232 5.03 19.54 -33.02
N ALA A 233 4.80 18.26 -33.35
CA ALA A 233 5.37 17.65 -34.56
C ALA A 233 4.66 18.08 -35.84
N LYS A 234 3.33 18.19 -35.76
CA LYS A 234 2.46 18.62 -36.88
C LYS A 234 2.59 17.71 -38.11
N ASP A 235 2.86 16.43 -37.87
CA ASP A 235 3.11 15.48 -38.94
C ASP A 235 2.70 14.08 -38.51
N PRO A 236 1.61 13.57 -39.08
CA PRO A 236 1.08 12.25 -38.69
C PRO A 236 2.09 11.14 -38.95
N SER A 237 2.97 11.37 -39.93
CA SER A 237 4.05 10.44 -40.26
C SER A 237 5.03 10.24 -39.12
N ALA A 238 5.16 11.27 -38.28
CA ALA A 238 6.12 11.30 -37.16
C ALA A 238 5.69 10.39 -36.01
N VAL A 239 4.40 10.06 -35.94
CA VAL A 239 3.86 9.19 -34.89
C VAL A 239 4.60 7.84 -34.86
N ALA A 240 5.01 7.34 -36.03
CA ALA A 240 5.77 6.09 -36.16
C ALA A 240 7.12 6.10 -35.44
N LYS A 241 7.65 7.30 -35.22
CA LYS A 241 8.95 7.45 -34.57
C LYS A 241 8.82 7.55 -33.06
N HIS A 242 7.60 7.74 -32.58
CA HIS A 242 7.38 8.10 -31.17
C HIS A 242 6.34 7.28 -30.42
N PHE A 243 5.68 6.36 -31.12
CA PHE A 243 4.62 5.54 -30.51
C PHE A 243 4.80 4.08 -30.89
N VAL A 244 4.76 3.21 -29.89
CA VAL A 244 4.76 1.77 -30.10
C VAL A 244 3.57 1.19 -29.35
N ALA A 245 2.92 0.20 -29.95
CA ALA A 245 1.81 -0.50 -29.29
C ALA A 245 2.22 -1.89 -28.85
N LEU A 246 1.73 -2.28 -27.66
CA LEU A 246 1.85 -3.65 -27.15
C LEU A 246 0.43 -4.16 -26.92
N SER A 247 0.02 -5.15 -27.71
CA SER A 247 -1.40 -5.54 -27.73
C SER A 247 -1.63 -6.90 -28.38
N THR A 248 -2.86 -7.39 -28.26
CA THR A 248 -3.32 -8.57 -29.01
C THR A 248 -4.29 -8.16 -30.12
N ASN A 249 -4.71 -6.89 -30.11
CA ASN A 249 -5.76 -6.40 -30.99
C ASN A 249 -5.22 -5.49 -32.10
N THR A 250 -4.79 -6.12 -33.19
CA THR A 250 -4.22 -5.40 -34.33
C THR A 250 -5.18 -4.36 -34.93
N ALA A 251 -6.45 -4.74 -35.08
CA ALA A 251 -7.47 -3.84 -35.63
C ALA A 251 -7.61 -2.54 -34.84
N LYS A 252 -7.68 -2.65 -33.51
CA LYS A 252 -7.84 -1.46 -32.67
C LYS A 252 -6.56 -0.64 -32.58
N VAL A 253 -5.40 -1.30 -32.68
CA VAL A 253 -4.12 -0.60 -32.78
C VAL A 253 -4.10 0.28 -34.04
N LYS A 254 -4.45 -0.32 -35.18
CA LYS A 254 -4.50 0.39 -36.46
C LYS A 254 -5.53 1.51 -36.43
N GLU A 255 -6.70 1.24 -35.84
CA GLU A 255 -7.76 2.23 -35.64
C GLU A 255 -7.26 3.45 -34.88
N PHE A 256 -6.46 3.22 -33.85
CA PHE A 256 -5.89 4.29 -33.04
C PHE A 256 -4.93 5.16 -33.85
N GLY A 257 -4.23 4.56 -34.80
CA GLY A 257 -3.30 5.30 -35.66
C GLY A 257 -1.88 4.81 -35.59
N ILE A 258 -1.67 3.63 -35.01
CA ILE A 258 -0.36 2.98 -34.99
C ILE A 258 -0.38 1.82 -35.99
N ASP A 259 0.65 1.78 -36.84
CA ASP A 259 0.78 0.72 -37.83
C ASP A 259 1.25 -0.58 -37.17
N PRO A 260 0.70 -1.73 -37.59
CA PRO A 260 1.13 -3.05 -37.08
C PRO A 260 2.65 -3.30 -37.01
N GLN A 261 3.44 -2.68 -37.89
CA GLN A 261 4.90 -2.78 -37.83
C GLN A 261 5.49 -2.10 -36.59
N ASN A 262 4.72 -1.18 -36.00
CA ASN A 262 5.10 -0.53 -34.75
C ASN A 262 4.34 -1.13 -33.57
N MET A 263 3.94 -2.39 -33.74
CA MET A 263 3.22 -3.14 -32.71
C MET A 263 3.99 -4.40 -32.37
N LEU A 264 4.11 -4.66 -31.07
CA LEU A 264 4.66 -5.92 -30.58
C LEU A 264 3.51 -6.69 -29.98
N GLU A 265 3.31 -7.90 -30.45
CA GLU A 265 2.11 -8.64 -30.05
C GLU A 265 2.32 -9.58 -28.87
N PHE A 266 1.25 -9.83 -28.13
CA PHE A 266 1.13 -10.99 -27.27
C PHE A 266 -0.20 -11.69 -27.52
N TRP A 267 -0.60 -12.60 -26.64
CA TRP A 267 -1.66 -13.54 -26.96
C TRP A 267 -2.70 -13.64 -25.85
N ASP A 268 -3.87 -14.19 -26.17
CA ASP A 268 -4.98 -14.23 -25.21
C ASP A 268 -4.67 -15.01 -23.94
N TRP A 269 -3.73 -15.96 -24.04
CA TRP A 269 -3.32 -16.79 -22.92
C TRP A 269 -2.29 -16.14 -21.98
N VAL A 270 -2.00 -14.85 -22.23
CA VAL A 270 -1.21 -14.02 -21.31
C VAL A 270 -2.17 -13.12 -20.54
N GLY A 271 -2.42 -13.46 -19.28
CA GLY A 271 -3.25 -12.63 -18.42
C GLY A 271 -2.51 -11.35 -18.08
N GLY A 272 -3.23 -10.24 -17.97
CA GLY A 272 -2.63 -8.95 -17.71
C GLY A 272 -1.67 -8.94 -16.52
N ARG A 273 -2.16 -9.47 -15.40
CA ARG A 273 -1.38 -9.52 -14.17
C ARG A 273 -0.26 -10.55 -14.19
N TYR A 274 -0.11 -11.23 -15.34
CA TYR A 274 0.98 -12.16 -15.60
C TYR A 274 1.68 -11.78 -16.90
N SER A 275 1.66 -10.50 -17.26
CA SER A 275 2.08 -10.10 -18.60
C SER A 275 3.46 -9.46 -18.73
N LEU A 276 4.11 -9.11 -17.61
CA LEU A 276 5.40 -8.40 -17.71
C LEU A 276 6.45 -9.22 -18.48
N TRP A 277 6.25 -10.54 -18.52
CA TRP A 277 7.14 -11.47 -19.23
C TRP A 277 7.03 -11.38 -20.75
N SER A 278 5.96 -10.76 -21.24
CA SER A 278 5.63 -10.72 -22.67
C SER A 278 6.12 -9.41 -23.27
N ALA A 279 5.57 -9.05 -24.42
CA ALA A 279 5.79 -7.74 -25.04
C ALA A 279 5.54 -6.59 -24.05
N ILE A 280 4.62 -6.81 -23.11
CA ILE A 280 4.32 -5.81 -22.07
C ILE A 280 5.59 -5.38 -21.27
N GLY A 281 6.60 -6.25 -21.25
CA GLY A 281 7.84 -5.97 -20.55
C GLY A 281 8.80 -5.09 -21.31
N LEU A 282 8.37 -4.56 -22.46
CA LEU A 282 9.24 -3.71 -23.28
C LEU A 282 9.86 -2.53 -22.53
N SER A 283 9.08 -1.81 -21.72
CA SER A 283 9.66 -0.73 -20.91
C SER A 283 10.75 -1.23 -19.94
N ILE A 284 10.64 -2.47 -19.46
CA ILE A 284 11.72 -3.07 -18.66
C ILE A 284 12.98 -3.22 -19.51
N ALA A 285 12.84 -3.89 -20.64
CA ALA A 285 13.95 -4.15 -21.55
C ALA A 285 14.60 -2.86 -22.04
N LEU A 286 13.78 -1.85 -22.35
CA LEU A 286 14.33 -0.55 -22.74
C LEU A 286 15.15 0.09 -21.62
N HIS A 287 14.67 -0.04 -20.39
CA HIS A 287 15.28 0.64 -19.24
C HIS A 287 16.57 -0.03 -18.77
N VAL A 288 16.55 -1.36 -18.64
CA VAL A 288 17.71 -2.11 -18.10
C VAL A 288 18.52 -2.86 -19.18
N GLY A 289 18.00 -2.89 -20.40
CA GLY A 289 18.64 -3.64 -21.47
C GLY A 289 18.03 -5.01 -21.64
N PHE A 290 18.06 -5.53 -22.87
CA PHE A 290 17.42 -6.81 -23.15
C PHE A 290 18.13 -7.98 -22.46
N ASP A 291 19.45 -7.89 -22.33
CA ASP A 291 20.24 -8.88 -21.59
C ASP A 291 19.66 -9.13 -20.19
N HIS A 292 19.43 -8.05 -19.47
CA HIS A 292 18.89 -8.13 -18.12
C HIS A 292 17.45 -8.63 -18.12
N PHE A 293 16.69 -8.22 -19.14
CA PHE A 293 15.34 -8.73 -19.34
C PHE A 293 15.35 -10.24 -19.55
N GLU A 294 16.28 -10.73 -20.36
CA GLU A 294 16.47 -12.17 -20.55
C GLU A 294 16.83 -12.91 -19.26
N GLN A 295 17.60 -12.27 -18.39
CA GLN A 295 17.98 -12.85 -17.11
C GLN A 295 16.76 -12.96 -16.21
N LEU A 296 15.91 -11.92 -16.27
CA LEU A 296 14.63 -11.92 -15.56
C LEU A 296 13.76 -13.13 -15.97
N LEU A 297 13.58 -13.30 -17.28
CA LEU A 297 12.88 -14.46 -17.84
C LEU A 297 13.50 -15.78 -17.38
N SER A 298 14.83 -15.84 -17.38
CA SER A 298 15.56 -17.05 -17.02
C SER A 298 15.35 -17.47 -15.57
N GLY A 299 15.25 -16.48 -14.67
CA GLY A 299 15.01 -16.75 -13.27
C GLY A 299 13.63 -17.32 -13.04
N ALA A 300 12.65 -16.75 -13.74
CA ALA A 300 11.29 -17.27 -13.71
C ALA A 300 11.25 -18.70 -14.23
N HIS A 301 11.97 -18.95 -15.33
CA HIS A 301 12.07 -20.29 -15.91
C HIS A 301 12.62 -21.29 -14.89
N TRP A 302 13.68 -20.91 -14.18
CA TRP A 302 14.26 -21.77 -13.14
C TRP A 302 13.20 -22.16 -12.11
N MET A 303 12.43 -21.18 -11.65
CA MET A 303 11.39 -21.39 -10.66
C MET A 303 10.21 -22.20 -11.22
N ASP A 304 9.89 -22.00 -12.50
CA ASP A 304 8.86 -22.80 -13.17
C ASP A 304 9.24 -24.27 -13.10
N GLN A 305 10.50 -24.55 -13.40
CA GLN A 305 11.02 -25.91 -13.39
C GLN A 305 11.02 -26.52 -11.97
N HIS A 306 11.41 -25.72 -10.99
CA HIS A 306 11.34 -26.15 -9.60
C HIS A 306 9.90 -26.53 -9.24
N PHE A 307 8.96 -25.66 -9.63
CA PHE A 307 7.54 -25.90 -9.36
C PHE A 307 7.05 -27.17 -10.07
N LEU A 308 7.50 -27.35 -11.30
CA LEU A 308 7.05 -28.48 -12.11
C LEU A 308 7.58 -29.84 -11.63
N LYS A 309 8.82 -29.85 -11.15
CA LYS A 309 9.55 -31.11 -10.94
C LYS A 309 9.76 -31.55 -9.49
N THR A 310 9.46 -30.68 -8.54
CA THR A 310 9.76 -30.98 -7.14
C THR A 310 8.55 -31.62 -6.49
N PRO A 311 8.77 -32.71 -5.76
CA PRO A 311 7.70 -33.32 -4.95
C PRO A 311 7.09 -32.29 -4.02
N LEU A 312 5.78 -32.36 -3.82
CA LEU A 312 5.03 -31.30 -3.13
C LEU A 312 5.61 -30.89 -1.77
N GLU A 313 6.07 -31.88 -1.00
CA GLU A 313 6.53 -31.63 0.37
C GLU A 313 7.79 -30.77 0.48
N LYS A 314 8.50 -30.58 -0.64
CA LYS A 314 9.71 -29.75 -0.66
C LYS A 314 9.65 -28.73 -1.80
N ASN A 315 8.42 -28.38 -2.20
CA ASN A 315 8.16 -27.52 -3.36
C ASN A 315 7.82 -26.10 -2.86
N ALA A 316 8.71 -25.15 -3.13
CA ALA A 316 8.62 -23.82 -2.50
C ALA A 316 7.27 -23.12 -2.65
N PRO A 317 6.79 -22.88 -3.88
CA PRO A 317 5.47 -22.25 -4.04
C PRO A 317 4.31 -23.06 -3.47
N VAL A 318 4.42 -24.39 -3.48
CA VAL A 318 3.38 -25.25 -2.90
C VAL A 318 3.30 -25.04 -1.39
N LEU A 319 4.45 -25.05 -0.74
CA LEU A 319 4.51 -24.87 0.71
C LEU A 319 3.98 -23.49 1.13
N LEU A 320 4.39 -22.45 0.40
CA LEU A 320 3.84 -21.12 0.67
C LEU A 320 2.33 -21.08 0.51
N ALA A 321 1.82 -21.76 -0.52
CA ALA A 321 0.38 -21.83 -0.77
C ALA A 321 -0.33 -22.54 0.37
N LEU A 322 0.23 -23.68 0.79
CA LEU A 322 -0.35 -24.49 1.86
C LEU A 322 -0.40 -23.77 3.21
N LEU A 323 0.67 -23.04 3.52
CA LEU A 323 0.70 -22.24 4.74
C LEU A 323 -0.40 -21.18 4.70
N GLY A 324 -0.55 -20.53 3.55
CA GLY A 324 -1.66 -19.63 3.29
C GLY A 324 -3.02 -20.27 3.55
N ILE A 325 -3.24 -21.48 3.03
CA ILE A 325 -4.51 -22.19 3.21
C ILE A 325 -4.81 -22.42 4.70
N TRP A 326 -3.77 -22.81 5.43
CA TRP A 326 -3.83 -23.03 6.87
C TRP A 326 -4.35 -21.76 7.56
N TYR A 327 -3.73 -20.62 7.27
CA TYR A 327 -4.11 -19.38 7.95
C TYR A 327 -5.47 -18.86 7.50
N ILE A 328 -5.76 -18.99 6.20
CA ILE A 328 -7.02 -18.49 5.63
C ILE A 328 -8.24 -19.36 6.03
N ASN A 329 -8.16 -20.66 5.74
CA ASN A 329 -9.31 -21.55 5.90
C ASN A 329 -9.46 -22.19 7.28
N CYS A 330 -8.38 -22.21 8.05
CA CYS A 330 -8.46 -22.76 9.41
C CYS A 330 -8.43 -21.66 10.47
N TYR A 331 -7.46 -20.76 10.39
CA TYR A 331 -7.40 -19.64 11.34
C TYR A 331 -8.34 -18.46 11.01
N GLY A 332 -8.67 -18.28 9.74
CA GLY A 332 -9.56 -17.21 9.32
C GLY A 332 -8.93 -15.83 9.15
N CYS A 333 -7.61 -15.79 8.94
CA CYS A 333 -6.91 -14.51 8.73
C CYS A 333 -7.29 -13.90 7.39
N GLU A 334 -7.80 -12.67 7.43
CA GLU A 334 -8.24 -12.00 6.21
C GLU A 334 -7.07 -11.56 5.33
N THR A 335 -5.94 -11.24 5.95
CA THR A 335 -4.85 -10.61 5.22
C THR A 335 -3.55 -11.38 5.19
N HIS A 336 -2.69 -10.96 4.26
CA HIS A 336 -1.34 -11.50 4.16
C HIS A 336 -0.43 -10.32 3.83
N ALA A 337 0.59 -10.09 4.64
CA ALA A 337 1.50 -8.95 4.42
C ALA A 337 2.79 -9.35 3.73
N LEU A 338 3.21 -8.55 2.74
CA LEU A 338 4.49 -8.72 2.07
C LEU A 338 5.39 -7.57 2.51
N LEU A 339 6.50 -7.89 3.17
CA LEU A 339 7.35 -6.87 3.79
C LEU A 339 8.80 -7.03 3.34
N PRO A 340 9.12 -6.48 2.16
CA PRO A 340 10.47 -6.58 1.65
C PRO A 340 11.37 -5.55 2.31
N TYR A 341 12.50 -6.00 2.85
CA TYR A 341 13.47 -5.11 3.47
C TYR A 341 14.43 -4.63 2.39
N ASP A 342 13.85 -3.87 1.48
CA ASP A 342 14.55 -3.44 0.27
C ASP A 342 13.78 -2.30 -0.37
N GLN A 343 14.42 -1.14 -0.40
CA GLN A 343 13.84 0.08 -0.96
C GLN A 343 13.55 -0.04 -2.47
N TYR A 344 14.42 -0.73 -3.20
CA TYR A 344 14.15 -0.96 -4.62
C TYR A 344 12.87 -1.77 -4.83
N MET A 345 12.54 -2.63 -3.87
CA MET A 345 11.32 -3.44 -3.91
C MET A 345 10.11 -2.69 -3.35
N HIS A 346 10.14 -1.35 -3.37
CA HIS A 346 9.06 -0.59 -2.73
C HIS A 346 7.65 -0.80 -3.34
N ARG A 347 7.58 -1.32 -4.57
CA ARG A 347 6.28 -1.60 -5.22
C ARG A 347 5.95 -3.09 -5.35
N PHE A 348 6.77 -3.93 -4.71
CA PHE A 348 6.59 -5.39 -4.75
C PHE A 348 5.27 -5.81 -4.11
N ALA A 349 4.99 -5.30 -2.91
CA ALA A 349 3.75 -5.62 -2.22
C ALA A 349 2.54 -5.19 -3.05
N ALA A 350 2.61 -3.98 -3.61
CA ALA A 350 1.51 -3.47 -4.46
C ALA A 350 1.27 -4.34 -5.70
N TYR A 351 2.36 -4.81 -6.31
CA TYR A 351 2.27 -5.71 -7.47
C TYR A 351 1.51 -6.99 -7.15
N PHE A 352 1.88 -7.64 -6.04
CA PHE A 352 1.21 -8.89 -5.67
C PHE A 352 -0.12 -8.67 -4.97
N GLN A 353 -0.35 -7.45 -4.50
CA GLN A 353 -1.70 -7.05 -4.14
C GLN A 353 -2.63 -7.23 -5.34
N GLN A 354 -2.21 -6.79 -6.53
CA GLN A 354 -2.96 -7.10 -7.74
C GLN A 354 -2.92 -8.59 -8.09
N GLY A 355 -1.72 -9.15 -8.18
CA GLY A 355 -1.53 -10.50 -8.71
C GLY A 355 -2.32 -11.53 -7.94
N ASP A 356 -2.31 -11.39 -6.62
CA ASP A 356 -3.02 -12.30 -5.73
C ASP A 356 -4.52 -12.00 -5.75
N MET A 357 -4.88 -10.76 -5.42
CA MET A 357 -6.30 -10.41 -5.22
C MET A 357 -7.16 -10.47 -6.49
N GLU A 358 -6.61 -10.03 -7.62
CA GLU A 358 -7.32 -10.11 -8.90
C GLU A 358 -7.46 -11.56 -9.38
N SER A 359 -6.51 -12.41 -8.99
CA SER A 359 -6.56 -13.84 -9.30
C SER A 359 -7.58 -14.57 -8.42
N ASN A 360 -7.41 -14.43 -7.10
CA ASN A 360 -8.14 -15.32 -6.21
C ASN A 360 -9.27 -14.70 -5.41
N GLY A 361 -9.58 -13.44 -5.71
CA GLY A 361 -10.76 -12.79 -5.18
C GLY A 361 -11.99 -13.24 -5.94
N LYS A 362 -12.43 -14.48 -5.66
CA LYS A 362 -13.48 -15.16 -6.42
C LYS A 362 -14.42 -15.90 -5.48
N TYR A 363 -15.64 -16.16 -5.93
CA TYR A 363 -16.60 -16.87 -5.09
C TYR A 363 -17.39 -17.98 -5.80
N ILE A 364 -17.07 -18.24 -7.06
CA ILE A 364 -17.68 -19.33 -7.84
C ILE A 364 -16.62 -20.35 -8.25
N THR A 365 -16.94 -21.64 -8.10
CA THR A 365 -16.02 -22.71 -8.46
C THR A 365 -16.17 -23.18 -9.92
N LYS A 366 -15.28 -24.10 -10.31
CA LYS A 366 -15.33 -24.73 -11.63
C LYS A 366 -16.67 -25.41 -11.92
N SER A 367 -17.35 -25.88 -10.86
CA SER A 367 -18.63 -26.56 -10.99
C SER A 367 -19.79 -25.57 -11.07
N GLY A 368 -19.51 -24.30 -10.79
CA GLY A 368 -20.54 -23.27 -10.74
C GLY A 368 -21.10 -23.05 -9.36
N ALA A 369 -20.51 -23.72 -8.37
CA ALA A 369 -20.97 -23.61 -6.99
C ALA A 369 -20.50 -22.31 -6.35
N ARG A 370 -21.32 -21.78 -5.45
CA ARG A 370 -20.88 -20.67 -4.61
C ARG A 370 -20.04 -21.25 -3.47
N VAL A 371 -18.86 -20.67 -3.25
CA VAL A 371 -17.99 -21.14 -2.18
C VAL A 371 -18.66 -20.98 -0.80
N ASP A 372 -18.38 -21.93 0.09
CA ASP A 372 -18.83 -21.83 1.48
C ASP A 372 -17.61 -21.76 2.41
N HIS A 373 -16.56 -21.13 1.89
CA HIS A 373 -15.30 -20.98 2.61
C HIS A 373 -14.61 -19.74 2.04
N GLN A 374 -13.61 -19.27 2.76
CA GLN A 374 -12.81 -18.13 2.32
C GLN A 374 -11.96 -18.46 1.09
N THR A 375 -11.80 -17.49 0.20
CA THR A 375 -10.81 -17.58 -0.87
C THR A 375 -9.73 -16.53 -0.62
N GLY A 376 -9.29 -15.84 -1.66
CA GLY A 376 -8.09 -15.01 -1.57
C GLY A 376 -8.06 -13.98 -0.45
N PRO A 377 -6.88 -13.75 0.13
CA PRO A 377 -6.72 -12.75 1.19
C PRO A 377 -6.48 -11.35 0.64
N ILE A 378 -6.64 -10.35 1.51
CA ILE A 378 -6.24 -8.99 1.19
C ILE A 378 -4.73 -8.91 1.38
N VAL A 379 -4.03 -8.59 0.31
CA VAL A 379 -2.57 -8.58 0.36
C VAL A 379 -2.14 -7.12 0.47
N TRP A 380 -1.16 -6.85 1.31
CA TRP A 380 -0.72 -5.48 1.56
C TRP A 380 0.71 -5.46 2.09
N GLY A 381 1.29 -4.27 2.18
CA GLY A 381 2.58 -4.10 2.83
C GLY A 381 3.36 -2.88 2.37
N GLU A 382 4.45 -2.60 3.07
CA GLU A 382 5.41 -1.56 2.73
C GLU A 382 6.79 -2.10 3.06
N PRO A 383 7.84 -1.54 2.46
CA PRO A 383 9.21 -2.00 2.76
C PRO A 383 9.66 -1.77 4.20
N GLY A 384 10.48 -2.68 4.69
CA GLY A 384 11.22 -2.49 5.93
C GLY A 384 12.46 -1.64 5.65
N THR A 385 12.92 -0.84 6.61
CA THR A 385 12.40 -0.84 7.99
C THR A 385 11.21 0.10 8.24
N ASN A 386 10.83 0.90 7.23
CA ASN A 386 9.78 1.91 7.40
C ASN A 386 8.50 1.41 8.08
N GLY A 387 8.03 0.24 7.67
CA GLY A 387 6.84 -0.36 8.26
C GLY A 387 6.90 -0.50 9.77
N GLN A 388 8.09 -0.76 10.31
CA GLN A 388 8.31 -0.84 11.77
C GLN A 388 7.86 0.42 12.49
N HIS A 389 7.94 1.54 11.79
CA HIS A 389 7.58 2.85 12.32
C HIS A 389 6.19 3.32 11.86
N ALA A 390 5.47 2.44 11.17
CA ALA A 390 4.14 2.78 10.66
C ALA A 390 3.04 1.89 11.24
N PHE A 391 3.13 0.59 10.99
CA PHE A 391 2.01 -0.31 11.32
C PHE A 391 2.41 -1.55 12.13
N TYR A 392 3.71 -1.73 12.38
CA TYR A 392 4.13 -2.93 13.11
C TYR A 392 3.60 -2.90 14.53
N GLN A 393 3.28 -1.71 15.04
CA GLN A 393 2.61 -1.58 16.33
C GLN A 393 1.41 -2.53 16.40
N LEU A 394 0.60 -2.49 15.35
CA LEU A 394 -0.58 -3.36 15.24
C LEU A 394 -0.22 -4.85 15.05
N ILE A 395 0.78 -5.13 14.23
CA ILE A 395 1.21 -6.51 14.05
C ILE A 395 1.63 -7.11 15.41
N HIS A 396 2.35 -6.33 16.21
CA HIS A 396 2.86 -6.82 17.51
C HIS A 396 1.82 -6.86 18.63
N GLN A 397 0.95 -5.85 18.68
CA GLN A 397 0.13 -5.62 19.87
C GLN A 397 -1.35 -5.31 19.59
N GLY A 398 -1.78 -5.55 18.35
CA GLY A 398 -3.19 -5.42 17.99
C GLY A 398 -3.99 -6.68 18.28
N THR A 399 -5.15 -6.80 17.64
CA THR A 399 -6.04 -7.94 17.85
C THR A 399 -6.21 -8.79 16.58
N LYS A 400 -5.30 -8.61 15.62
CA LYS A 400 -5.33 -9.33 14.35
C LYS A 400 -4.17 -10.29 14.20
N MET A 401 -4.46 -11.47 13.66
CA MET A 401 -3.43 -12.40 13.22
C MET A 401 -3.11 -12.12 11.75
N ILE A 402 -1.85 -11.85 11.47
CA ILE A 402 -1.42 -11.39 10.15
C ILE A 402 -0.19 -12.16 9.73
N PRO A 403 -0.36 -13.18 8.88
CA PRO A 403 0.80 -13.89 8.36
C PRO A 403 1.63 -12.89 7.54
N CYS A 404 2.94 -12.88 7.77
CA CYS A 404 3.84 -11.94 7.11
C CYS A 404 4.97 -12.69 6.43
N ASP A 405 5.26 -12.29 5.18
CA ASP A 405 6.50 -12.72 4.51
C ASP A 405 7.48 -11.56 4.57
N PHE A 406 8.61 -11.81 5.23
CA PHE A 406 9.74 -10.90 5.27
C PHE A 406 10.74 -11.33 4.19
N LEU A 407 11.14 -10.40 3.32
CA LEU A 407 12.06 -10.71 2.22
C LEU A 407 13.27 -9.79 2.29
N ILE A 408 14.46 -10.33 2.04
CA ILE A 408 15.67 -9.48 1.98
C ILE A 408 16.78 -10.14 1.14
N PRO A 409 17.53 -9.33 0.40
CA PRO A 409 18.78 -9.81 -0.20
C PRO A 409 19.94 -9.73 0.78
N VAL A 410 20.80 -10.75 0.77
CA VAL A 410 21.99 -10.77 1.61
C VAL A 410 22.97 -9.68 1.18
N GLN A 411 23.19 -9.57 -0.13
CA GLN A 411 24.08 -8.55 -0.67
C GLN A 411 23.30 -7.34 -1.16
N THR A 412 23.73 -6.17 -0.74
CA THR A 412 23.09 -4.92 -1.16
C THR A 412 23.71 -4.35 -2.43
N GLN A 413 22.92 -3.59 -3.19
CA GLN A 413 23.39 -2.93 -4.41
C GLN A 413 24.24 -1.70 -4.10
N HIS A 414 24.14 -1.22 -2.86
CA HIS A 414 24.87 -0.04 -2.38
C HIS A 414 25.50 -0.30 -1.00
N PRO A 415 26.64 -1.00 -0.97
CA PRO A 415 27.32 -1.28 0.30
C PRO A 415 28.09 -0.08 0.84
N ILE A 416 27.37 1.01 1.07
CA ILE A 416 27.95 2.25 1.58
C ILE A 416 28.38 2.11 3.03
N ARG A 417 29.29 3.00 3.46
CA ARG A 417 29.81 3.00 4.84
C ARG A 417 30.33 1.62 5.25
N LYS A 418 31.07 0.99 4.34
CA LYS A 418 31.63 -0.36 4.54
C LYS A 418 30.60 -1.39 4.97
N GLY A 419 29.37 -1.25 4.46
CA GLY A 419 28.30 -2.18 4.73
C GLY A 419 27.48 -1.90 5.97
N LEU A 420 27.67 -0.73 6.60
CA LEU A 420 27.01 -0.44 7.87
C LEU A 420 25.46 -0.36 7.78
N HIS A 421 24.96 0.32 6.75
CA HIS A 421 23.52 0.44 6.55
C HIS A 421 22.89 -0.93 6.36
N HIS A 422 23.53 -1.79 5.58
CA HIS A 422 22.94 -3.10 5.28
C HIS A 422 23.00 -4.05 6.47
N LYS A 423 24.06 -3.92 7.28
CA LYS A 423 24.17 -4.66 8.54
C LYS A 423 23.00 -4.32 9.46
N ILE A 424 22.69 -3.03 9.58
CA ILE A 424 21.55 -2.58 10.39
C ILE A 424 20.22 -3.09 9.79
N LEU A 425 20.07 -2.97 8.48
CA LEU A 425 18.90 -3.48 7.79
C LEU A 425 18.68 -4.97 8.06
N LEU A 426 19.75 -5.75 7.92
CA LEU A 426 19.68 -7.20 8.18
C LEU A 426 19.31 -7.49 9.63
N ALA A 427 19.91 -6.75 10.56
CA ALA A 427 19.64 -6.93 11.99
C ALA A 427 18.16 -6.73 12.32
N ASN A 428 17.55 -5.71 11.72
CA ASN A 428 16.13 -5.44 11.91
C ASN A 428 15.25 -6.53 11.30
N PHE A 429 15.62 -6.98 10.09
CA PHE A 429 14.91 -8.04 9.38
C PHE A 429 14.81 -9.29 10.28
N LEU A 430 15.94 -9.64 10.88
CA LEU A 430 16.04 -10.82 11.73
C LEU A 430 15.31 -10.62 13.05
N ALA A 431 15.52 -9.45 13.67
CA ALA A 431 14.93 -9.13 14.98
C ALA A 431 13.42 -9.12 14.98
N GLN A 432 12.84 -8.59 13.91
CA GLN A 432 11.38 -8.42 13.86
C GLN A 432 10.64 -9.74 13.87
N THR A 433 11.11 -10.73 13.10
CA THR A 433 10.46 -12.03 13.09
C THR A 433 10.73 -12.79 14.38
N GLU A 434 11.93 -12.60 14.93
CA GLU A 434 12.23 -13.16 16.26
C GLU A 434 11.27 -12.61 17.33
N ALA A 435 11.09 -11.29 17.32
CA ALA A 435 10.18 -10.61 18.24
C ALA A 435 8.73 -11.05 18.08
N LEU A 436 8.29 -11.19 16.84
CA LEU A 436 6.93 -11.61 16.54
C LEU A 436 6.68 -13.03 17.06
N MET A 437 7.70 -13.88 16.92
CA MET A 437 7.64 -15.26 17.39
C MET A 437 7.65 -15.33 18.93
N LYS A 438 8.66 -14.72 19.53
CA LYS A 438 8.99 -14.91 20.95
C LYS A 438 8.09 -14.10 21.88
N GLY A 439 7.84 -12.84 21.52
CA GLY A 439 7.12 -11.93 22.40
C GLY A 439 7.94 -11.59 23.63
N LYS A 440 7.24 -11.13 24.67
CA LYS A 440 7.86 -10.77 25.94
C LYS A 440 6.83 -11.00 27.04
N LEU A 441 7.12 -11.95 27.92
CA LEU A 441 6.23 -12.36 28.99
C LEU A 441 6.11 -11.27 30.06
N PRO A 442 4.99 -11.23 30.79
CA PRO A 442 4.83 -10.28 31.90
C PRO A 442 6.04 -10.27 32.84
N GLU A 443 6.50 -11.45 33.23
CA GLU A 443 7.66 -11.59 34.13
C GLU A 443 8.93 -11.00 33.51
N GLU A 444 9.08 -11.14 32.19
CA GLU A 444 10.21 -10.56 31.48
C GLU A 444 10.11 -9.04 31.42
N ALA A 445 8.91 -8.54 31.14
CA ALA A 445 8.64 -7.09 31.14
C ALA A 445 8.79 -6.49 32.53
N ARG A 446 8.40 -7.25 33.54
CA ARG A 446 8.46 -6.81 34.93
C ARG A 446 9.92 -6.52 35.33
N LYS A 447 10.80 -7.46 34.98
CA LYS A 447 12.24 -7.36 35.29
C LYS A 447 12.90 -6.15 34.65
N GLU A 448 12.53 -5.83 33.41
CA GLU A 448 13.06 -4.68 32.69
C GLU A 448 12.68 -3.36 33.37
N LEU A 449 11.44 -3.29 33.84
CA LEU A 449 10.90 -2.10 34.50
C LEU A 449 11.54 -1.89 35.88
N GLN A 450 11.79 -3.00 36.59
CA GLN A 450 12.53 -2.97 37.84
C GLN A 450 13.94 -2.41 37.65
N ALA A 451 14.62 -2.88 36.60
CA ALA A 451 15.95 -2.41 36.24
C ALA A 451 15.96 -0.98 35.67
N ALA A 452 14.78 -0.49 35.31
CA ALA A 452 14.62 0.87 34.80
C ALA A 452 14.46 1.87 35.93
N GLY A 453 14.32 1.35 37.15
CA GLY A 453 14.18 2.18 38.34
C GLY A 453 12.76 2.65 38.59
N LYS A 454 11.79 1.94 38.03
CA LYS A 454 10.37 2.27 38.20
C LYS A 454 9.89 1.89 39.59
N SER A 455 9.17 2.82 40.22
CA SER A 455 8.51 2.57 41.50
C SER A 455 7.44 1.48 41.32
N PRO A 456 7.11 0.76 42.40
CA PRO A 456 6.09 -0.30 42.34
C PRO A 456 4.77 0.17 41.72
N GLU A 457 4.36 1.41 42.00
CA GLU A 457 3.10 1.94 41.51
C GLU A 457 3.13 2.20 40.00
N ASP A 458 4.21 2.82 39.53
CA ASP A 458 4.40 3.12 38.11
C ASP A 458 4.57 1.83 37.31
N LEU A 459 5.34 0.89 37.86
CA LEU A 459 5.58 -0.40 37.22
C LEU A 459 4.27 -1.14 36.97
N GLU A 460 3.41 -1.19 37.99
CA GLU A 460 2.15 -1.93 37.90
C GLU A 460 1.16 -1.32 36.88
N LYS A 461 1.17 0.01 36.75
CA LYS A 461 0.32 0.67 35.75
C LYS A 461 0.84 0.39 34.33
N LEU A 462 2.16 0.45 34.16
CA LEU A 462 2.80 0.29 32.85
C LEU A 462 2.87 -1.16 32.37
N LEU A 463 3.03 -2.10 33.31
CA LEU A 463 3.33 -3.50 32.99
C LEU A 463 2.56 -4.16 31.82
N PRO A 464 1.23 -4.20 31.86
CA PRO A 464 0.46 -4.88 30.81
C PRO A 464 0.71 -4.28 29.43
N HIS A 465 0.95 -2.97 29.35
CA HIS A 465 1.22 -2.29 28.07
C HIS A 465 2.56 -2.71 27.47
N LYS A 466 3.45 -3.21 28.31
CA LYS A 466 4.80 -3.59 27.86
C LYS A 466 4.88 -5.06 27.47
N VAL A 467 3.80 -5.79 27.65
CA VAL A 467 3.77 -7.22 27.36
C VAL A 467 3.52 -7.47 25.88
N PHE A 468 4.31 -8.36 25.30
CA PHE A 468 4.13 -8.81 23.92
C PHE A 468 3.73 -10.27 23.95
N GLU A 469 2.54 -10.57 23.46
CA GLU A 469 2.00 -11.94 23.51
C GLU A 469 2.69 -12.88 22.52
N GLY A 470 3.36 -12.30 21.52
CA GLY A 470 4.11 -13.08 20.54
C GLY A 470 3.25 -14.11 19.82
N ASN A 471 3.85 -15.24 19.46
CA ASN A 471 3.16 -16.31 18.73
C ASN A 471 2.61 -15.85 17.37
N ARG A 472 3.29 -14.88 16.76
CA ARG A 472 2.83 -14.31 15.49
C ARG A 472 3.70 -14.83 14.35
N PRO A 473 3.11 -15.62 13.45
CA PRO A 473 3.90 -16.40 12.49
C PRO A 473 4.43 -15.62 11.29
N THR A 474 5.62 -15.98 10.81
CA THR A 474 6.22 -15.35 9.64
C THR A 474 6.93 -16.33 8.74
N ASN A 475 7.07 -15.97 7.47
CA ASN A 475 8.03 -16.57 6.58
C ASN A 475 9.18 -15.59 6.43
N SER A 476 10.41 -16.09 6.41
CA SER A 476 11.56 -15.27 6.03
C SER A 476 12.13 -15.84 4.74
N ILE A 477 12.19 -14.99 3.71
CA ILE A 477 12.67 -15.36 2.39
C ILE A 477 13.93 -14.54 2.14
N VAL A 478 15.07 -15.22 2.10
CA VAL A 478 16.37 -14.57 1.99
C VAL A 478 17.10 -15.07 0.74
N PHE A 479 17.68 -14.15 -0.01
CA PHE A 479 18.31 -14.52 -1.29
C PHE A 479 19.65 -13.81 -1.43
N THR A 480 20.56 -14.42 -2.19
CA THR A 480 21.94 -13.91 -2.28
C THR A 480 22.01 -12.41 -2.61
N LYS A 481 21.30 -11.99 -3.65
CA LYS A 481 21.29 -10.60 -4.12
C LYS A 481 20.06 -10.43 -4.99
N LEU A 482 19.50 -9.23 -5.05
CA LEU A 482 18.37 -8.99 -5.96
C LEU A 482 18.84 -8.62 -7.36
N THR A 483 19.25 -9.63 -8.11
CA THR A 483 19.62 -9.50 -9.50
C THR A 483 18.36 -9.68 -10.35
N PRO A 484 18.43 -9.35 -11.64
CA PRO A 484 17.30 -9.64 -12.53
C PRO A 484 16.85 -11.12 -12.44
N PHE A 485 17.79 -12.03 -12.43
CA PHE A 485 17.50 -13.47 -12.38
C PHE A 485 16.74 -13.82 -11.09
N ILE A 486 17.25 -13.34 -9.96
CA ILE A 486 16.66 -13.69 -8.67
C ILE A 486 15.26 -13.07 -8.54
N LEU A 487 15.11 -11.82 -8.97
CA LEU A 487 13.80 -11.17 -8.98
C LEU A 487 12.80 -11.98 -9.82
N GLY A 488 13.23 -12.41 -11.01
CA GLY A 488 12.39 -13.26 -11.86
C GLY A 488 11.93 -14.51 -11.14
N ALA A 489 12.87 -15.17 -10.46
CA ALA A 489 12.58 -16.37 -9.68
C ALA A 489 11.55 -16.07 -8.58
N LEU A 490 11.73 -14.94 -7.88
CA LEU A 490 10.84 -14.58 -6.79
C LEU A 490 9.41 -14.27 -7.25
N ILE A 491 9.29 -13.55 -8.37
CA ILE A 491 7.97 -13.24 -8.91
C ILE A 491 7.24 -14.53 -9.33
N ALA A 492 7.94 -15.39 -10.08
CA ALA A 492 7.36 -16.67 -10.50
C ALA A 492 6.95 -17.54 -9.31
N MET A 493 7.73 -17.51 -8.23
CA MET A 493 7.40 -18.27 -7.02
C MET A 493 6.00 -17.92 -6.49
N TYR A 494 5.75 -16.63 -6.35
CA TYR A 494 4.46 -16.14 -5.88
C TYR A 494 3.35 -16.38 -6.90
N GLU A 495 3.65 -16.25 -8.20
CA GLU A 495 2.68 -16.60 -9.24
C GLU A 495 2.17 -18.02 -8.99
N HIS A 496 3.11 -18.95 -8.75
CA HIS A 496 2.75 -20.35 -8.56
C HIS A 496 2.10 -20.63 -7.21
N LYS A 497 2.48 -19.87 -6.18
CA LYS A 497 1.73 -19.88 -4.92
C LYS A 497 0.24 -19.61 -5.19
N ILE A 498 -0.03 -18.52 -5.90
CA ILE A 498 -1.40 -18.09 -6.19
C ILE A 498 -2.14 -19.18 -7.01
N PHE A 499 -1.45 -19.79 -7.95
CA PHE A 499 -1.99 -20.89 -8.74
C PHE A 499 -2.44 -22.05 -7.86
N VAL A 500 -1.55 -22.49 -6.96
CA VAL A 500 -1.84 -23.64 -6.12
C VAL A 500 -3.07 -23.35 -5.24
N GLN A 501 -3.14 -22.14 -4.69
CA GLN A 501 -4.27 -21.78 -3.82
C GLN A 501 -5.58 -21.80 -4.62
N GLY A 502 -5.54 -21.26 -5.82
CA GLY A 502 -6.68 -21.27 -6.72
C GLY A 502 -7.20 -22.66 -7.03
N ILE A 503 -6.29 -23.58 -7.34
CA ILE A 503 -6.69 -24.96 -7.63
C ILE A 503 -7.31 -25.62 -6.39
N MET A 504 -6.71 -25.38 -5.23
CA MET A 504 -7.22 -25.93 -3.99
C MET A 504 -8.62 -25.42 -3.64
N TRP A 505 -8.88 -24.14 -3.91
CA TRP A 505 -10.21 -23.54 -3.72
C TRP A 505 -11.20 -23.84 -4.86
N ASP A 506 -10.70 -24.47 -5.92
CA ASP A 506 -11.50 -24.84 -7.09
C ASP A 506 -12.05 -23.62 -7.83
N ILE A 507 -11.32 -22.52 -7.78
CA ILE A 507 -11.71 -21.32 -8.50
C ILE A 507 -10.83 -21.10 -9.73
N ASN A 508 -11.23 -20.14 -10.55
CA ASN A 508 -10.47 -19.75 -11.73
C ASN A 508 -9.57 -18.56 -11.40
N SER A 509 -8.27 -18.83 -11.26
CA SER A 509 -7.31 -17.78 -10.90
C SER A 509 -7.05 -16.81 -12.07
N PHE A 510 -7.62 -17.12 -13.23
CA PHE A 510 -7.17 -16.47 -14.45
C PHE A 510 -8.19 -15.62 -15.21
N ASP A 511 -9.41 -15.54 -14.70
CA ASP A 511 -10.38 -14.57 -15.21
C ASP A 511 -10.46 -13.39 -14.24
N GLN A 512 -11.30 -12.40 -14.56
CA GLN A 512 -11.48 -11.23 -13.72
C GLN A 512 -12.80 -10.52 -14.05
N TRP A 513 -13.91 -11.21 -13.83
CA TRP A 513 -15.21 -10.66 -14.21
C TRP A 513 -15.58 -9.36 -13.48
N GLY A 514 -15.02 -9.14 -12.29
CA GLY A 514 -15.22 -7.90 -11.56
C GLY A 514 -14.48 -6.73 -12.20
N VAL A 515 -13.33 -7.02 -12.79
CA VAL A 515 -12.56 -6.03 -13.54
C VAL A 515 -13.27 -5.73 -14.85
N GLU A 516 -13.81 -6.78 -15.48
CA GLU A 516 -14.59 -6.60 -16.70
C GLU A 516 -15.84 -5.78 -16.43
N LEU A 517 -16.52 -6.04 -15.31
CA LEU A 517 -17.70 -5.26 -14.90
C LEU A 517 -17.32 -3.79 -14.81
N GLY A 518 -16.19 -3.50 -14.15
CA GLY A 518 -15.69 -2.14 -13.97
C GLY A 518 -15.62 -1.34 -15.26
N LYS A 519 -15.19 -1.99 -16.34
CA LYS A 519 -15.02 -1.35 -17.64
C LYS A 519 -16.35 -1.01 -18.36
N GLN A 520 -17.47 -1.45 -17.80
CA GLN A 520 -18.79 -1.19 -18.40
C GLN A 520 -19.57 -0.09 -17.66
N LEU A 521 -19.08 0.30 -16.48
CA LEU A 521 -19.88 1.05 -15.51
C LEU A 521 -19.98 2.56 -15.72
N ALA A 522 -18.88 3.17 -16.12
CA ALA A 522 -18.77 4.64 -16.17
C ALA A 522 -19.56 5.26 -17.33
N LYS A 523 -19.81 4.46 -18.37
CA LYS A 523 -20.54 4.90 -19.56
C LYS A 523 -21.95 5.41 -19.26
N LYS A 524 -22.56 4.86 -18.21
CA LYS A 524 -23.94 5.22 -17.86
C LYS A 524 -24.02 6.54 -17.08
N ILE A 525 -22.90 6.98 -16.51
CA ILE A 525 -22.87 8.19 -15.70
C ILE A 525 -22.25 9.39 -16.43
N GLU A 526 -21.25 9.12 -17.27
CA GLU A 526 -20.56 10.17 -18.03
C GLU A 526 -21.49 11.21 -18.66
N PRO A 527 -22.54 10.78 -19.36
CA PRO A 527 -23.46 11.72 -20.04
C PRO A 527 -24.23 12.58 -19.06
N GLU A 528 -24.52 12.04 -17.88
CA GLU A 528 -25.28 12.78 -16.87
C GLU A 528 -24.48 13.92 -16.27
N LEU A 529 -23.14 13.82 -16.29
CA LEU A 529 -22.29 14.86 -15.74
C LEU A 529 -22.28 16.10 -16.63
N GLU A 530 -22.55 15.91 -17.92
CA GLU A 530 -22.66 17.01 -18.87
C GLU A 530 -23.96 17.81 -18.66
N GLY A 531 -23.84 19.13 -18.64
CA GLY A 531 -24.99 20.00 -18.49
C GLY A 531 -25.37 20.27 -17.05
N SER A 532 -26.26 21.24 -16.86
CA SER A 532 -26.67 21.69 -15.53
C SER A 532 -27.96 21.01 -15.01
N SER A 533 -28.48 20.05 -15.78
CA SER A 533 -29.71 19.35 -15.41
C SER A 533 -29.58 18.48 -14.15
N ALA A 534 -30.66 18.43 -13.36
CA ALA A 534 -30.70 17.59 -12.17
C ALA A 534 -30.84 16.12 -12.54
N VAL A 535 -30.09 15.27 -11.85
CA VAL A 535 -30.14 13.84 -12.07
C VAL A 535 -30.96 13.18 -10.97
N THR A 536 -32.04 12.52 -11.40
CA THR A 536 -32.95 11.79 -10.50
C THR A 536 -33.02 10.31 -10.90
N SER A 537 -32.18 9.97 -11.88
CA SER A 537 -32.10 8.64 -12.50
C SER A 537 -31.79 7.47 -11.54
N HIS A 538 -30.87 7.70 -10.61
CA HIS A 538 -30.28 6.62 -9.81
C HIS A 538 -30.86 6.52 -8.39
N ASP A 539 -30.20 5.75 -7.53
CA ASP A 539 -30.45 5.79 -6.09
C ASP A 539 -30.13 7.22 -5.59
N SER A 540 -30.68 7.60 -4.44
CA SER A 540 -30.56 8.98 -3.95
C SER A 540 -29.12 9.40 -3.63
N SER A 541 -28.27 8.43 -3.28
CA SER A 541 -26.85 8.72 -3.03
C SER A 541 -26.15 9.15 -4.31
N THR A 542 -26.15 8.26 -5.30
CA THR A 542 -25.62 8.60 -6.61
C THR A 542 -26.18 9.93 -7.12
N ASN A 543 -27.50 10.11 -6.99
CA ASN A 543 -28.12 11.38 -7.39
C ASN A 543 -27.58 12.58 -6.61
N GLY A 544 -27.42 12.40 -5.30
CA GLY A 544 -27.01 13.47 -4.41
C GLY A 544 -25.56 13.87 -4.65
N LEU A 545 -24.73 12.87 -4.94
CA LEU A 545 -23.33 13.09 -5.26
C LEU A 545 -23.18 13.85 -6.58
N ILE A 546 -23.95 13.43 -7.59
CA ILE A 546 -23.98 14.14 -8.87
C ILE A 546 -24.40 15.60 -8.67
N SER A 547 -25.47 15.82 -7.89
CA SER A 547 -25.94 17.17 -7.58
C SER A 547 -24.86 18.03 -6.93
N PHE A 548 -24.14 17.45 -5.97
CA PHE A 548 -23.03 18.13 -5.29
C PHE A 548 -21.93 18.50 -6.29
N ILE A 549 -21.57 17.55 -7.15
CA ILE A 549 -20.57 17.78 -8.19
C ILE A 549 -20.97 18.94 -9.10
N LYS A 550 -22.23 18.94 -9.57
CA LYS A 550 -22.68 20.01 -10.46
C LYS A 550 -22.69 21.37 -9.76
N GLN A 551 -23.11 21.37 -8.50
CA GLN A 551 -23.19 22.59 -7.72
C GLN A 551 -21.80 23.18 -7.45
N GLN A 552 -20.82 22.31 -7.20
CA GLN A 552 -19.50 22.75 -6.74
C GLN A 552 -18.46 23.00 -7.85
N ARG A 553 -18.74 22.51 -9.06
CA ARG A 553 -17.70 22.56 -10.11
C ARG A 553 -17.31 23.96 -10.63
N ASP A 554 -18.14 24.97 -10.36
CA ASP A 554 -17.85 26.32 -10.86
C ASP A 554 -17.29 27.28 -9.81
N THR A 555 -17.52 26.98 -8.53
CA THR A 555 -17.16 27.92 -7.45
C THR A 555 -15.66 28.18 -7.36
N LYS A 556 -15.31 29.46 -7.23
CA LYS A 556 -13.92 29.89 -7.26
C LYS A 556 -13.31 29.98 -5.85
N LEU A 557 -12.41 29.06 -5.55
CA LEU A 557 -11.74 29.02 -4.26
C LEU A 557 -10.52 29.94 -4.25
N ALA B 2 -13.24 -5.86 29.80
CA ALA B 2 -13.00 -4.65 28.96
C ALA B 2 -14.24 -3.78 28.95
N ALA B 3 -14.03 -2.46 29.03
CA ALA B 3 -15.12 -1.51 29.14
C ALA B 3 -16.16 -1.59 28.03
N LEU B 4 -15.71 -1.72 26.77
CA LEU B 4 -16.66 -1.74 25.67
C LEU B 4 -17.65 -2.92 25.74
N THR B 5 -17.13 -4.12 26.00
CA THR B 5 -17.96 -5.30 25.99
C THR B 5 -18.95 -5.38 27.17
N ARG B 6 -18.61 -4.70 28.26
CA ARG B 6 -19.47 -4.63 29.45
C ARG B 6 -20.46 -3.47 29.36
N ASN B 7 -20.33 -2.67 28.30
CA ASN B 7 -21.20 -1.53 28.09
C ASN B 7 -22.54 -2.03 27.52
N PRO B 8 -23.65 -1.72 28.21
CA PRO B 8 -24.97 -2.26 27.83
C PRO B 8 -25.47 -1.76 26.47
N GLN B 9 -25.09 -0.55 26.09
CA GLN B 9 -25.45 -0.01 24.77
C GLN B 9 -24.73 -0.78 23.67
N PHE B 10 -23.51 -1.24 23.96
CA PHE B 10 -22.79 -2.10 23.03
C PHE B 10 -23.42 -3.50 22.91
N GLN B 11 -23.83 -4.06 24.05
CA GLN B 11 -24.52 -5.35 24.04
C GLN B 11 -25.82 -5.28 23.24
N LYS B 12 -26.56 -4.17 23.38
CA LYS B 12 -27.79 -3.92 22.61
C LYS B 12 -27.52 -3.86 21.11
N LEU B 13 -26.44 -3.15 20.75
CA LEU B 13 -26.01 -3.07 19.36
C LEU B 13 -25.67 -4.45 18.78
N LEU B 14 -24.88 -5.22 19.53
CA LEU B 14 -24.51 -6.59 19.13
C LEU B 14 -25.74 -7.47 18.89
N GLU B 15 -26.68 -7.45 19.84
CA GLU B 15 -27.88 -8.26 19.75
C GLU B 15 -28.78 -7.85 18.58
N TRP B 16 -28.87 -6.54 18.31
CA TRP B 16 -29.58 -6.05 17.14
C TRP B 16 -28.93 -6.60 15.87
N HIS B 17 -27.60 -6.54 15.81
CA HIS B 17 -26.84 -7.06 14.67
C HIS B 17 -27.12 -8.56 14.47
N ARG B 18 -27.06 -9.33 15.56
CA ARG B 18 -27.35 -10.77 15.50
C ARG B 18 -28.73 -11.04 14.88
N ALA B 19 -29.72 -10.28 15.34
CA ALA B 19 -31.11 -10.47 14.95
C ALA B 19 -31.47 -9.95 13.56
N ASN B 20 -30.82 -8.87 13.12
CA ASN B 20 -31.29 -8.12 11.95
C ASN B 20 -30.32 -7.92 10.78
N SER B 21 -29.04 -8.16 11.00
CA SER B 21 -28.03 -7.85 9.99
C SER B 21 -28.09 -8.72 8.73
N ALA B 22 -28.55 -9.97 8.88
CA ALA B 22 -28.63 -10.89 7.75
C ALA B 22 -29.54 -10.38 6.63
N ASN B 23 -30.63 -9.72 7.00
CA ASN B 23 -31.59 -9.19 6.03
C ASN B 23 -31.37 -7.71 5.69
N LEU B 24 -30.30 -7.11 6.21
CA LEU B 24 -30.00 -5.71 5.91
C LEU B 24 -29.41 -5.63 4.50
N LYS B 25 -30.12 -4.96 3.60
CA LYS B 25 -29.74 -4.84 2.20
C LYS B 25 -29.72 -3.38 1.75
N LEU B 26 -28.60 -2.95 1.19
CA LEU B 26 -28.46 -1.55 0.76
C LEU B 26 -29.55 -1.14 -0.23
N ARG B 27 -29.75 -1.95 -1.27
CA ARG B 27 -30.81 -1.71 -2.26
C ARG B 27 -32.17 -1.43 -1.60
N GLU B 28 -32.54 -2.28 -0.64
CA GLU B 28 -33.80 -2.16 0.07
C GLU B 28 -33.88 -0.93 0.97
N LEU B 29 -32.76 -0.57 1.59
CA LEU B 29 -32.72 0.62 2.43
C LEU B 29 -33.00 1.88 1.63
N PHE B 30 -32.48 1.92 0.39
CA PHE B 30 -32.67 3.07 -0.50
C PHE B 30 -34.07 3.10 -1.12
N GLU B 31 -34.58 1.92 -1.48
CA GLU B 31 -35.91 1.81 -2.07
C GLU B 31 -37.02 2.19 -1.07
N ALA B 32 -36.78 1.91 0.20
CA ALA B 32 -37.76 2.21 1.26
C ALA B 32 -37.76 3.66 1.74
N ASP B 33 -36.66 4.37 1.49
CA ASP B 33 -36.47 5.71 2.05
C ASP B 33 -35.88 6.68 1.01
N PRO B 34 -36.73 7.51 0.41
CA PRO B 34 -36.28 8.49 -0.59
C PRO B 34 -35.42 9.60 0.02
N GLU B 35 -35.54 9.79 1.33
CA GLU B 35 -34.76 10.80 2.04
C GLU B 35 -33.40 10.25 2.50
N ARG B 36 -33.02 9.07 2.02
CA ARG B 36 -31.84 8.39 2.57
C ARG B 36 -30.57 9.22 2.43
N PHE B 37 -30.25 9.67 1.22
CA PHE B 37 -29.06 10.51 1.03
C PHE B 37 -29.13 11.74 1.92
N ASN B 38 -30.28 12.41 1.92
CA ASN B 38 -30.49 13.59 2.74
C ASN B 38 -30.22 13.39 4.23
N ASN B 39 -30.69 12.28 4.79
CA ASN B 39 -30.56 12.02 6.22
C ASN B 39 -29.33 11.21 6.64
N PHE B 40 -28.57 10.72 5.65
CA PHE B 40 -27.36 9.94 5.92
C PHE B 40 -26.15 10.53 5.19
N SER B 41 -26.06 11.85 5.19
CA SER B 41 -24.90 12.58 4.64
C SER B 41 -24.75 13.93 5.32
N LEU B 42 -23.53 14.46 5.31
CA LEU B 42 -23.24 15.76 5.88
C LEU B 42 -22.55 16.61 4.84
N ASN B 43 -23.16 17.74 4.51
CA ASN B 43 -22.57 18.73 3.62
C ASN B 43 -21.98 19.89 4.43
N LEU B 44 -20.66 19.85 4.60
CA LEU B 44 -19.98 20.82 5.42
C LEU B 44 -19.49 21.99 4.58
N ASN B 45 -19.95 23.19 4.92
CA ASN B 45 -19.43 24.39 4.30
C ASN B 45 -18.39 25.03 5.21
N THR B 46 -17.13 24.94 4.80
CA THR B 46 -16.01 25.47 5.59
C THR B 46 -15.75 26.94 5.34
N ASN B 47 -16.51 27.54 4.43
CA ASN B 47 -16.24 28.88 3.89
C ASN B 47 -15.05 28.94 2.92
N HIS B 48 -14.32 27.83 2.81
CA HIS B 48 -13.22 27.68 1.85
C HIS B 48 -13.37 26.40 1.03
N GLY B 49 -14.62 26.09 0.70
CA GLY B 49 -14.96 24.86 -0.01
C GLY B 49 -15.88 24.00 0.83
N HIS B 50 -16.57 23.08 0.17
CA HIS B 50 -17.48 22.19 0.86
C HIS B 50 -16.88 20.80 0.95
N ILE B 51 -17.16 20.11 2.05
CA ILE B 51 -16.83 18.70 2.17
C ILE B 51 -18.12 17.94 2.41
N LEU B 52 -18.47 17.07 1.46
CA LEU B 52 -19.63 16.21 1.58
C LEU B 52 -19.21 14.83 2.08
N VAL B 53 -19.71 14.44 3.26
CA VAL B 53 -19.46 13.11 3.79
C VAL B 53 -20.75 12.30 3.63
N ASP B 54 -20.78 11.52 2.55
CA ASP B 54 -21.95 10.71 2.20
C ASP B 54 -21.79 9.28 2.73
N TYR B 55 -22.45 9.01 3.86
CA TYR B 55 -22.39 7.69 4.47
C TYR B 55 -23.66 6.86 4.26
N SER B 56 -24.44 7.22 3.23
CA SER B 56 -25.72 6.58 2.98
C SER B 56 -25.61 5.16 2.43
N LYS B 57 -24.54 4.87 1.70
CA LYS B 57 -24.34 3.51 1.18
C LYS B 57 -23.74 2.56 2.24
N ASN B 58 -24.19 2.72 3.48
CA ASN B 58 -23.76 1.84 4.57
C ASN B 58 -24.91 1.03 5.10
N LEU B 59 -24.59 -0.13 5.67
CA LEU B 59 -25.58 -1.05 6.24
C LEU B 59 -26.04 -0.57 7.61
N VAL B 60 -26.73 0.57 7.59
CA VAL B 60 -27.26 1.20 8.78
C VAL B 60 -28.63 1.83 8.47
N ASN B 61 -29.45 1.98 9.50
CA ASN B 61 -30.68 2.75 9.38
C ASN B 61 -30.77 3.72 10.55
N LYS B 62 -31.90 4.42 10.68
CA LYS B 62 -32.10 5.34 11.80
C LYS B 62 -31.81 4.73 13.18
N GLU B 63 -32.34 3.54 13.45
CA GLU B 63 -32.17 2.90 14.76
C GLU B 63 -30.70 2.55 15.06
N VAL B 64 -30.00 2.02 14.07
CA VAL B 64 -28.58 1.69 14.21
C VAL B 64 -27.73 2.93 14.54
N MET B 65 -27.96 4.02 13.80
CA MET B 65 -27.22 5.26 14.02
C MET B 65 -27.49 5.84 15.42
N GLN B 66 -28.74 5.75 15.88
CA GLN B 66 -29.11 6.19 17.22
C GLN B 66 -28.39 5.36 18.28
N MET B 67 -28.35 4.04 18.08
CA MET B 67 -27.65 3.13 18.98
C MET B 67 -26.14 3.42 19.00
N LEU B 68 -25.58 3.72 17.83
CA LEU B 68 -24.15 4.03 17.72
C LEU B 68 -23.80 5.35 18.41
N VAL B 69 -24.60 6.38 18.18
CA VAL B 69 -24.39 7.67 18.86
C VAL B 69 -24.47 7.52 20.39
N GLU B 70 -25.47 6.75 20.84
CA GLU B 70 -25.64 6.48 22.26
C GLU B 70 -24.42 5.75 22.84
N LEU B 71 -23.85 4.84 22.07
CA LEU B 71 -22.64 4.14 22.48
C LEU B 71 -21.48 5.12 22.67
N ALA B 72 -21.32 6.04 21.73
CA ALA B 72 -20.25 7.04 21.83
C ALA B 72 -20.41 7.85 23.12
N LYS B 73 -21.63 8.28 23.39
CA LYS B 73 -21.92 9.10 24.56
C LYS B 73 -21.64 8.33 25.83
N SER B 74 -22.16 7.11 25.91
CA SER B 74 -22.00 6.26 27.10
C SER B 74 -20.58 5.70 27.26
N ARG B 75 -19.72 5.90 26.26
CA ARG B 75 -18.30 5.56 26.36
C ARG B 75 -17.45 6.78 26.72
N GLY B 76 -18.09 7.94 26.89
CA GLY B 76 -17.40 9.13 27.35
C GLY B 76 -16.68 9.95 26.28
N VAL B 77 -17.07 9.78 25.02
CA VAL B 77 -16.44 10.48 23.90
C VAL B 77 -16.43 12.01 24.03
N GLU B 78 -17.53 12.59 24.48
CA GLU B 78 -17.59 14.05 24.63
C GLU B 78 -16.64 14.59 25.70
N ALA B 79 -16.60 13.93 26.86
CA ALA B 79 -15.69 14.35 27.92
C ALA B 79 -14.23 14.13 27.53
N ALA B 80 -13.94 13.02 26.87
CA ALA B 80 -12.58 12.69 26.46
C ALA B 80 -12.04 13.69 25.45
N ARG B 81 -12.89 14.07 24.49
CA ARG B 81 -12.55 15.06 23.49
C ARG B 81 -12.17 16.37 24.17
N ASP B 82 -13.02 16.81 25.10
CA ASP B 82 -12.79 18.05 25.81
C ASP B 82 -11.48 18.01 26.58
N ASN B 83 -11.17 16.86 27.16
CA ASN B 83 -9.90 16.67 27.87
C ASN B 83 -8.69 16.77 26.95
N MET B 84 -8.79 16.23 25.75
CA MET B 84 -7.72 16.41 24.77
C MET B 84 -7.47 17.90 24.52
N PHE B 85 -8.54 18.62 24.18
CA PHE B 85 -8.44 20.01 23.77
C PHE B 85 -7.94 20.95 24.86
N SER B 86 -8.14 20.55 26.11
CA SER B 86 -7.79 21.38 27.27
C SER B 86 -6.38 21.11 27.81
N GLY B 87 -5.68 20.17 27.20
CA GLY B 87 -4.31 19.85 27.60
C GLY B 87 -4.20 18.84 28.73
N SER B 88 -5.31 18.16 29.05
CA SER B 88 -5.27 17.04 29.99
C SER B 88 -4.30 15.97 29.48
N LYS B 89 -3.62 15.31 30.42
CA LYS B 89 -2.62 14.32 30.05
C LYS B 89 -3.26 12.97 29.71
N ILE B 90 -4.05 12.95 28.64
CA ILE B 90 -4.81 11.75 28.25
C ILE B 90 -3.94 10.61 27.69
N ASN B 91 -2.68 10.92 27.33
CA ASN B 91 -1.70 9.88 27.01
C ASN B 91 -1.19 9.31 28.33
N TYR B 92 -1.99 8.43 28.92
CA TYR B 92 -1.82 8.03 30.32
C TYR B 92 -0.65 7.09 30.62
N THR B 93 -0.19 6.33 29.63
CA THR B 93 0.95 5.46 29.87
C THR B 93 2.26 6.23 29.89
N GLU B 94 2.33 7.33 29.15
CA GLU B 94 3.54 8.14 29.09
C GLU B 94 3.41 9.43 29.90
N ASP B 95 2.20 9.64 30.45
CA ASP B 95 1.83 10.84 31.20
C ASP B 95 2.14 12.12 30.43
N ARG B 96 1.56 12.21 29.23
CA ARG B 96 1.75 13.36 28.35
C ARG B 96 0.40 13.92 27.91
N ALA B 97 0.38 15.22 27.62
CA ALA B 97 -0.75 15.81 26.92
C ALA B 97 -0.76 15.31 25.47
N VAL B 98 -1.88 15.49 24.79
CA VAL B 98 -2.04 15.11 23.39
C VAL B 98 -2.53 16.35 22.67
N LEU B 99 -1.60 17.11 22.08
CA LEU B 99 -1.95 18.46 21.67
C LEU B 99 -1.54 18.83 20.26
N HIS B 100 -1.74 17.92 19.31
CA HIS B 100 -1.59 18.31 17.91
C HIS B 100 -2.59 19.43 17.54
N VAL B 101 -3.73 19.50 18.22
CA VAL B 101 -4.68 20.60 17.96
C VAL B 101 -4.10 21.99 18.34
N ALA B 102 -3.16 22.02 19.28
CA ALA B 102 -2.52 23.30 19.66
C ALA B 102 -1.64 23.82 18.54
N LEU B 103 -1.03 22.88 17.81
CA LEU B 103 -0.11 23.22 16.72
C LEU B 103 -0.76 24.08 15.64
N ARG B 104 -2.05 23.82 15.39
CA ARG B 104 -2.80 24.51 14.36
C ARG B 104 -3.91 25.39 14.96
N ASN B 105 -3.75 25.77 16.22
CA ASN B 105 -4.72 26.62 16.92
C ASN B 105 -4.59 28.09 16.47
N ARG B 106 -5.15 28.38 15.30
CA ARG B 106 -5.02 29.69 14.67
C ARG B 106 -5.69 30.80 15.49
N SER B 107 -6.69 30.43 16.26
CA SER B 107 -7.43 31.37 17.10
C SER B 107 -6.59 31.89 18.28
N ASN B 108 -5.61 31.08 18.69
CA ASN B 108 -4.68 31.42 19.77
C ASN B 108 -5.30 31.46 21.15
N THR B 109 -6.47 30.84 21.28
CA THR B 109 -7.07 30.55 22.57
C THR B 109 -6.03 29.78 23.39
N PRO B 110 -5.76 30.25 24.62
CA PRO B 110 -4.75 29.58 25.46
C PRO B 110 -5.08 28.12 25.72
N ILE B 111 -4.04 27.29 25.68
CA ILE B 111 -4.15 25.87 26.01
C ILE B 111 -2.99 25.58 26.97
N LYS B 112 -3.32 25.18 28.20
CA LYS B 112 -2.30 25.04 29.23
C LYS B 112 -1.83 23.61 29.45
N VAL B 113 -0.52 23.44 29.61
CA VAL B 113 0.06 22.19 30.09
C VAL B 113 0.92 22.54 31.30
N ASP B 114 0.67 21.89 32.44
CA ASP B 114 1.38 22.20 33.69
C ASP B 114 1.28 23.70 34.02
N GLY B 115 0.08 24.26 33.84
CA GLY B 115 -0.21 25.64 34.18
C GLY B 115 0.24 26.70 33.18
N LYS B 116 1.00 26.30 32.16
CA LYS B 116 1.54 27.25 31.19
C LYS B 116 0.92 27.07 29.81
N ASP B 117 0.50 28.20 29.23
CA ASP B 117 -0.04 28.25 27.88
C ASP B 117 1.06 27.82 26.89
N VAL B 118 0.72 26.86 26.01
CA VAL B 118 1.68 26.36 25.03
C VAL B 118 1.74 27.21 23.76
N MET B 119 0.76 28.10 23.60
CA MET B 119 0.61 28.84 22.34
C MET B 119 1.77 29.80 22.02
N PRO B 120 2.28 30.56 22.99
CA PRO B 120 3.45 31.41 22.71
C PRO B 120 4.61 30.65 22.06
N GLU B 121 4.94 29.47 22.55
CA GLU B 121 6.05 28.70 21.98
C GLU B 121 5.69 28.09 20.61
N VAL B 122 4.44 27.61 20.49
CA VAL B 122 3.96 27.14 19.18
C VAL B 122 4.15 28.23 18.13
N ASN B 123 3.74 29.45 18.48
CA ASN B 123 3.82 30.55 17.54
C ASN B 123 5.23 31.05 17.26
N ARG B 124 6.10 31.00 18.28
CA ARG B 124 7.50 31.36 18.08
C ARG B 124 8.17 30.45 17.06
N VAL B 125 7.92 29.14 17.17
CA VAL B 125 8.51 28.19 16.24
C VAL B 125 7.96 28.40 14.82
N LEU B 126 6.66 28.63 14.71
CA LEU B 126 6.05 28.95 13.42
C LEU B 126 6.65 30.21 12.76
N ASP B 127 6.91 31.23 13.57
CA ASP B 127 7.55 32.45 13.08
C ASP B 127 8.96 32.18 12.54
N LYS B 128 9.69 31.33 13.26
CA LYS B 128 11.02 30.89 12.84
C LYS B 128 10.95 30.04 11.56
N MET B 129 9.99 29.13 11.51
CA MET B 129 9.70 28.36 10.29
C MET B 129 9.48 29.30 9.10
N LYS B 130 8.65 30.32 9.32
CA LYS B 130 8.36 31.32 8.28
C LYS B 130 9.64 32.03 7.80
N SER B 131 10.52 32.38 8.74
CA SER B 131 11.80 33.02 8.42
C SER B 131 12.73 32.12 7.61
N PHE B 132 12.80 30.85 8.01
CA PHE B 132 13.56 29.86 7.25
C PHE B 132 13.07 29.78 5.81
N CYS B 133 11.75 29.71 5.64
CA CYS B 133 11.13 29.61 4.32
C CYS B 133 11.45 30.81 3.43
N GLN B 134 11.37 32.01 4.00
CA GLN B 134 11.73 33.22 3.28
C GLN B 134 13.16 33.16 2.78
N ARG B 135 14.09 32.77 3.65
CA ARG B 135 15.52 32.73 3.33
C ARG B 135 15.83 31.70 2.26
N VAL B 136 15.29 30.50 2.41
CA VAL B 136 15.56 29.43 1.45
C VAL B 136 14.90 29.71 0.09
N ARG B 137 13.61 30.03 0.10
CA ARG B 137 12.88 30.20 -1.16
C ARG B 137 13.30 31.44 -1.96
N SER B 138 13.74 32.49 -1.26
CA SER B 138 14.22 33.71 -1.91
C SER B 138 15.58 33.52 -2.56
N GLY B 139 16.30 32.50 -2.10
CA GLY B 139 17.68 32.28 -2.52
C GLY B 139 18.66 33.00 -1.62
N ASP B 140 18.16 33.69 -0.60
CA ASP B 140 19.03 34.41 0.34
C ASP B 140 19.87 33.48 1.21
N TRP B 141 19.36 32.28 1.49
CA TRP B 141 20.11 31.25 2.23
C TRP B 141 21.14 30.64 1.29
N LYS B 142 22.41 30.82 1.62
CA LYS B 142 23.48 30.36 0.75
C LYS B 142 24.16 29.12 1.27
N GLY B 143 24.56 28.24 0.35
CA GLY B 143 25.41 27.11 0.69
C GLY B 143 26.85 27.54 0.91
N TYR B 144 27.74 26.58 1.15
CA TYR B 144 29.13 26.87 1.52
C TYR B 144 29.99 27.56 0.43
N THR B 145 29.56 27.47 -0.84
CA THR B 145 30.23 28.19 -1.92
C THR B 145 29.49 29.49 -2.31
N GLY B 146 28.46 29.83 -1.53
CA GLY B 146 27.71 31.06 -1.73
C GLY B 146 26.56 30.99 -2.72
N LYS B 147 26.08 29.77 -3.02
CA LYS B 147 25.01 29.57 -4.00
C LYS B 147 23.68 29.27 -3.33
N SER B 148 22.59 29.63 -3.99
CA SER B 148 21.24 29.39 -3.47
C SER B 148 20.94 27.90 -3.37
N ILE B 149 20.11 27.51 -2.41
CA ILE B 149 19.70 26.13 -2.24
C ILE B 149 18.68 25.74 -3.32
N THR B 150 18.89 24.59 -3.96
CA THR B 150 17.97 24.13 -5.00
C THR B 150 17.25 22.84 -4.58
N ASP B 151 17.80 22.16 -3.58
CA ASP B 151 17.29 20.86 -3.13
C ASP B 151 17.23 20.80 -1.62
N ILE B 152 16.09 20.35 -1.11
CA ILE B 152 15.90 20.10 0.31
C ILE B 152 15.78 18.60 0.49
N ILE B 153 16.44 18.07 1.52
CA ILE B 153 16.40 16.64 1.81
C ILE B 153 15.93 16.42 3.24
N ASN B 154 14.73 15.88 3.39
CA ASN B 154 14.24 15.49 4.72
C ASN B 154 14.80 14.12 5.05
N ILE B 155 15.44 13.99 6.19
CA ILE B 155 15.91 12.70 6.68
C ILE B 155 15.16 12.37 7.97
N GLY B 156 14.36 11.31 7.93
CA GLY B 156 13.52 10.94 9.07
C GLY B 156 12.70 9.72 8.70
N ILE B 157 12.08 9.09 9.69
CA ILE B 157 11.33 7.86 9.42
C ILE B 157 10.01 7.88 10.19
N GLY B 158 8.99 7.22 9.64
CA GLY B 158 7.71 7.08 10.31
C GLY B 158 7.04 8.43 10.42
N GLY B 159 6.75 8.85 11.66
CA GLY B 159 6.11 10.13 11.91
C GLY B 159 6.91 11.33 11.40
N SER B 160 8.21 11.14 11.28
CA SER B 160 9.10 12.21 10.82
C SER B 160 9.35 12.15 9.30
N ASP B 161 8.56 11.33 8.59
CA ASP B 161 8.72 11.14 7.14
C ASP B 161 7.38 11.15 6.40
N LEU B 162 6.43 10.31 6.85
CA LEU B 162 5.22 10.03 6.08
C LEU B 162 4.33 11.26 5.85
N GLY B 163 4.18 12.09 6.87
CA GLY B 163 3.39 13.32 6.77
C GLY B 163 3.91 14.31 5.76
N PRO B 164 5.14 14.81 5.95
CA PRO B 164 5.77 15.70 4.97
C PRO B 164 5.80 15.11 3.56
N LEU B 165 6.10 13.82 3.42
CA LEU B 165 6.05 13.16 2.12
C LEU B 165 4.65 13.22 1.49
N MET B 166 3.65 12.76 2.23
CA MET B 166 2.28 12.67 1.72
C MET B 166 1.74 14.05 1.35
N VAL B 167 2.00 15.04 2.21
CA VAL B 167 1.47 16.38 1.99
C VAL B 167 2.16 17.11 0.84
N THR B 168 3.49 17.00 0.72
CA THR B 168 4.19 17.60 -0.44
C THR B 168 3.78 16.94 -1.77
N GLU B 169 3.49 15.64 -1.72
CA GLU B 169 2.95 14.96 -2.90
C GLU B 169 1.56 15.48 -3.23
N ALA B 170 0.71 15.61 -2.21
CA ALA B 170 -0.68 16.03 -2.40
C ALA B 170 -0.81 17.49 -2.86
N LEU B 171 0.14 18.33 -2.46
CA LEU B 171 0.09 19.76 -2.74
C LEU B 171 1.12 20.21 -3.77
N LYS B 172 1.60 19.25 -4.54
CA LYS B 172 2.58 19.47 -5.60
C LYS B 172 2.31 20.71 -6.50
N PRO B 173 1.06 20.93 -6.96
CA PRO B 173 0.74 22.13 -7.75
C PRO B 173 1.03 23.47 -7.05
N TYR B 174 1.22 23.44 -5.74
CA TYR B 174 1.42 24.66 -4.96
C TYR B 174 2.90 24.97 -4.73
N SER B 175 3.75 24.20 -5.41
CA SER B 175 5.20 24.25 -5.19
C SER B 175 6.01 25.05 -6.21
N LYS B 176 5.34 25.87 -7.02
CA LYS B 176 6.06 26.73 -7.97
C LYS B 176 6.93 27.70 -7.20
N GLY B 177 8.21 27.74 -7.56
CA GLY B 177 9.19 28.63 -6.92
C GLY B 177 9.85 28.05 -5.69
N GLY B 178 9.48 26.83 -5.32
CA GLY B 178 10.07 26.17 -4.19
C GLY B 178 11.19 25.24 -4.62
N PRO B 179 12.06 24.88 -3.69
CA PRO B 179 13.15 23.93 -3.97
C PRO B 179 12.59 22.53 -4.18
N ARG B 180 13.32 21.69 -4.91
CA ARG B 180 12.96 20.29 -5.05
C ARG B 180 13.07 19.67 -3.65
N VAL B 181 12.15 18.76 -3.35
CA VAL B 181 12.16 18.10 -2.05
C VAL B 181 12.37 16.59 -2.21
N TRP B 182 13.25 16.07 -1.36
CA TRP B 182 13.62 14.66 -1.35
C TRP B 182 13.36 14.11 0.04
N PHE B 183 12.94 12.85 0.10
CA PHE B 183 12.68 12.18 1.36
C PHE B 183 13.54 10.93 1.49
N VAL B 184 14.37 10.91 2.52
CA VAL B 184 15.21 9.75 2.83
C VAL B 184 14.74 9.26 4.19
N SER B 185 14.48 7.96 4.29
CA SER B 185 13.88 7.42 5.49
C SER B 185 14.37 6.02 5.87
N ASN B 186 14.37 5.11 4.90
CA ASN B 186 14.86 3.76 5.14
C ASN B 186 16.33 3.75 5.57
N ILE B 187 16.68 2.87 6.50
CA ILE B 187 18.11 2.63 6.78
C ILE B 187 18.79 2.00 5.57
N ASP B 188 18.03 1.23 4.79
CA ASP B 188 18.55 0.61 3.58
C ASP B 188 19.39 1.65 2.82
N GLY B 189 20.68 1.38 2.70
CA GLY B 189 21.63 2.32 2.10
C GLY B 189 21.27 2.79 0.70
N THR B 190 20.50 1.97 -0.02
CA THR B 190 19.91 2.35 -1.29
C THR B 190 19.24 3.72 -1.24
N HIS B 191 18.54 4.00 -0.14
CA HIS B 191 17.71 5.21 -0.07
C HIS B 191 18.56 6.48 -0.12
N ILE B 192 19.50 6.60 0.81
CA ILE B 192 20.41 7.75 0.84
C ILE B 192 21.37 7.75 -0.35
N ALA B 193 21.84 6.57 -0.76
CA ALA B 193 22.79 6.49 -1.89
C ALA B 193 22.20 7.01 -3.19
N LYS B 194 21.00 6.55 -3.54
CA LYS B 194 20.37 6.99 -4.78
C LYS B 194 19.96 8.47 -4.73
N THR B 195 19.65 8.96 -3.53
CA THR B 195 19.35 10.36 -3.33
C THR B 195 20.62 11.21 -3.51
N LEU B 196 21.68 10.88 -2.77
CA LEU B 196 22.93 11.65 -2.82
C LEU B 196 23.60 11.69 -4.20
N ALA B 197 23.41 10.63 -4.98
CA ALA B 197 23.96 10.56 -6.34
C ALA B 197 23.46 11.68 -7.27
N SER B 198 22.29 12.23 -6.95
CA SER B 198 21.61 13.23 -7.77
C SER B 198 21.77 14.66 -7.24
N LEU B 199 22.59 14.83 -6.22
CA LEU B 199 22.68 16.11 -5.52
C LEU B 199 24.08 16.72 -5.57
N SER B 200 24.14 18.05 -5.48
CA SER B 200 25.41 18.75 -5.24
C SER B 200 25.47 19.23 -3.80
N PRO B 201 26.58 18.96 -3.12
CA PRO B 201 26.76 19.45 -1.74
C PRO B 201 26.63 20.97 -1.63
N GLU B 202 26.95 21.69 -2.71
CA GLU B 202 26.90 23.15 -2.71
C GLU B 202 25.50 23.76 -2.59
N THR B 203 24.48 23.03 -3.04
CA THR B 203 23.12 23.58 -3.16
C THR B 203 22.05 22.73 -2.46
N SER B 204 22.50 21.79 -1.63
CA SER B 204 21.60 20.87 -0.96
C SER B 204 21.50 21.19 0.53
N LEU B 205 20.27 21.32 1.03
CA LEU B 205 20.03 21.52 2.46
C LEU B 205 19.36 20.31 3.08
N PHE B 206 20.03 19.73 4.09
CA PHE B 206 19.51 18.56 4.78
C PHE B 206 18.73 18.96 6.01
N ILE B 207 17.58 18.30 6.19
CA ILE B 207 16.74 18.56 7.34
C ILE B 207 16.61 17.25 8.10
N ILE B 208 17.19 17.20 9.30
CA ILE B 208 17.17 15.99 10.11
C ILE B 208 15.96 16.04 11.04
N ALA B 209 14.94 15.26 10.69
CA ALA B 209 13.65 15.30 11.36
C ALA B 209 13.57 14.13 12.34
N SER B 210 13.60 14.42 13.64
CA SER B 210 13.52 13.37 14.66
C SER B 210 13.13 13.93 16.02
N LYS B 211 11.94 13.54 16.49
CA LYS B 211 11.47 13.93 17.81
C LYS B 211 12.52 13.64 18.88
N THR B 212 13.01 12.39 18.92
CA THR B 212 14.00 12.00 19.91
C THR B 212 15.41 12.43 19.58
N PHE B 213 15.70 12.55 18.27
CA PHE B 213 17.07 12.70 17.75
C PHE B 213 17.99 11.55 18.15
N THR B 214 17.42 10.35 18.32
CA THR B 214 18.22 9.15 18.59
C THR B 214 17.86 7.94 17.72
N THR B 215 16.78 8.03 16.95
CA THR B 215 16.35 6.91 16.10
C THR B 215 17.47 6.42 15.19
N GLN B 216 17.74 5.11 15.22
CA GLN B 216 18.94 4.59 14.55
C GLN B 216 19.00 4.90 13.04
N GLU B 217 17.89 4.68 12.35
CA GLU B 217 17.83 4.89 10.90
C GLU B 217 18.17 6.35 10.55
N THR B 218 17.54 7.28 11.27
CA THR B 218 17.68 8.71 11.01
C THR B 218 19.06 9.25 11.32
N ILE B 219 19.59 8.87 12.48
CA ILE B 219 20.89 9.38 12.91
C ILE B 219 21.97 8.81 12.01
N THR B 220 21.83 7.53 11.66
CA THR B 220 22.76 6.90 10.72
C THR B 220 22.75 7.56 9.35
N ASN B 221 21.55 7.73 8.78
CA ASN B 221 21.39 8.45 7.51
C ASN B 221 21.97 9.86 7.60
N ALA B 222 21.71 10.55 8.71
CA ALA B 222 22.21 11.91 8.92
C ALA B 222 23.74 11.95 8.94
N GLU B 223 24.36 10.98 9.60
CA GLU B 223 25.83 10.91 9.66
C GLU B 223 26.44 10.55 8.29
N THR B 224 25.74 9.70 7.53
CA THR B 224 26.16 9.38 6.18
C THR B 224 26.10 10.62 5.26
N ALA B 225 25.04 11.39 5.40
CA ALA B 225 24.90 12.66 4.67
C ALA B 225 26.03 13.64 5.01
N LYS B 226 26.33 13.74 6.31
CA LYS B 226 27.40 14.62 6.78
C LYS B 226 28.76 14.18 6.22
N GLU B 227 29.00 12.86 6.24
CA GLU B 227 30.25 12.29 5.73
C GLU B 227 30.42 12.61 4.25
N TRP B 228 29.32 12.47 3.51
CA TRP B 228 29.28 12.78 2.09
C TRP B 228 29.58 14.26 1.86
N PHE B 229 28.98 15.11 2.68
CA PHE B 229 29.20 16.55 2.58
C PHE B 229 30.66 16.93 2.84
N LEU B 230 31.22 16.39 3.92
CA LEU B 230 32.58 16.74 4.34
C LEU B 230 33.64 16.29 3.34
N GLU B 231 33.36 15.24 2.56
CA GLU B 231 34.26 14.81 1.50
C GLU B 231 34.48 15.95 0.52
N ALA B 232 33.43 16.76 0.32
CA ALA B 232 33.45 17.86 -0.62
C ALA B 232 33.91 19.17 0.01
N ALA B 233 33.18 19.59 1.06
CA ALA B 233 33.38 20.93 1.64
C ALA B 233 34.61 21.02 2.53
N LYS B 234 34.99 19.88 3.12
CA LYS B 234 36.18 19.74 3.97
C LYS B 234 36.05 20.43 5.33
N ASP B 235 35.62 21.69 5.31
CA ASP B 235 35.51 22.53 6.49
C ASP B 235 34.31 22.15 7.36
N PRO B 236 34.55 21.67 8.59
CA PRO B 236 33.48 21.29 9.51
C PRO B 236 32.51 22.43 9.87
N SER B 237 32.96 23.68 9.74
CA SER B 237 32.10 24.84 10.01
C SER B 237 31.08 25.10 8.91
N ALA B 238 31.37 24.57 7.71
CA ALA B 238 30.49 24.73 6.54
C ALA B 238 29.27 23.82 6.62
N VAL B 239 29.34 22.83 7.53
CA VAL B 239 28.22 21.93 7.81
C VAL B 239 26.99 22.71 8.25
N ALA B 240 27.26 23.80 8.99
CA ALA B 240 26.21 24.63 9.58
C ALA B 240 25.32 25.33 8.55
N LYS B 241 25.78 25.41 7.29
CA LYS B 241 24.99 26.01 6.22
C LYS B 241 24.11 24.98 5.52
N HIS B 242 24.33 23.70 5.83
CA HIS B 242 23.67 22.63 5.08
C HIS B 242 22.87 21.64 5.93
N PHE B 243 22.81 21.88 7.24
CA PHE B 243 22.08 21.01 8.14
C PHE B 243 21.16 21.78 9.08
N VAL B 244 19.91 21.33 9.16
CA VAL B 244 18.89 21.89 10.03
C VAL B 244 18.27 20.71 10.77
N ALA B 245 17.87 20.92 12.01
CA ALA B 245 17.28 19.86 12.81
C ALA B 245 15.88 20.24 13.25
N LEU B 246 15.00 19.23 13.29
CA LEU B 246 13.64 19.38 13.81
C LEU B 246 13.48 18.36 14.92
N SER B 247 13.38 18.82 16.17
CA SER B 247 13.48 17.91 17.31
C SER B 247 12.91 18.47 18.60
N THR B 248 12.75 17.61 19.61
CA THR B 248 12.46 18.07 20.97
C THR B 248 13.73 18.06 21.82
N ASN B 249 14.78 17.43 21.31
CA ASN B 249 16.01 17.27 22.10
C ASN B 249 17.16 18.17 21.67
N THR B 250 17.22 19.35 22.28
CA THR B 250 18.26 20.34 22.01
C THR B 250 19.67 19.81 22.27
N ALA B 251 19.81 19.06 23.37
CA ALA B 251 21.11 18.51 23.76
C ALA B 251 21.69 17.57 22.70
N LYS B 252 20.88 16.64 22.20
CA LYS B 252 21.30 15.69 21.17
C LYS B 252 21.56 16.36 19.82
N VAL B 253 20.82 17.43 19.53
CA VAL B 253 21.00 18.20 18.30
C VAL B 253 22.37 18.90 18.30
N LYS B 254 22.71 19.55 19.41
CA LYS B 254 24.01 20.23 19.52
C LYS B 254 25.16 19.24 19.45
N GLU B 255 24.98 18.08 20.09
CA GLU B 255 25.96 17.01 20.03
C GLU B 255 26.25 16.55 18.60
N PHE B 256 25.20 16.50 17.76
CA PHE B 256 25.36 16.17 16.35
C PHE B 256 26.13 17.26 15.59
N GLY B 257 26.08 18.49 16.09
CA GLY B 257 26.86 19.58 15.54
C GLY B 257 26.04 20.70 14.95
N ILE B 258 24.74 20.68 15.22
CA ILE B 258 23.82 21.70 14.71
C ILE B 258 23.52 22.75 15.80
N ASP B 259 23.81 24.01 15.48
CA ASP B 259 23.51 25.17 16.34
C ASP B 259 22.00 25.32 16.49
N PRO B 260 21.52 25.69 17.69
CA PRO B 260 20.09 25.95 17.90
C PRO B 260 19.50 26.97 16.93
N GLN B 261 20.34 27.86 16.40
CA GLN B 261 19.97 28.75 15.29
C GLN B 261 19.32 27.97 14.14
N ASN B 262 19.84 26.77 13.88
CA ASN B 262 19.38 25.91 12.80
C ASN B 262 18.47 24.77 13.29
N MET B 263 17.89 24.95 14.47
CA MET B 263 16.96 23.98 15.04
C MET B 263 15.56 24.58 15.13
N LEU B 264 14.55 23.74 14.84
CA LEU B 264 13.16 24.10 15.07
C LEU B 264 12.59 23.11 16.06
N GLU B 265 12.08 23.64 17.16
CA GLU B 265 11.66 22.83 18.30
C GLU B 265 10.21 22.39 18.19
N PHE B 266 9.95 21.18 18.68
CA PHE B 266 8.60 20.80 19.12
C PHE B 266 8.61 20.13 20.50
N TRP B 267 7.48 19.54 20.89
CA TRP B 267 7.25 19.18 22.29
C TRP B 267 6.75 17.74 22.44
N ASP B 268 6.82 17.21 23.66
CA ASP B 268 6.51 15.80 23.88
C ASP B 268 5.05 15.42 23.62
N TRP B 269 4.17 16.42 23.71
CA TRP B 269 2.75 16.24 23.44
C TRP B 269 2.38 16.25 21.96
N VAL B 270 3.41 16.30 21.10
CA VAL B 270 3.26 16.12 19.66
C VAL B 270 3.63 14.67 19.29
N GLY B 271 2.63 13.84 19.03
CA GLY B 271 2.90 12.47 18.60
C GLY B 271 3.51 12.48 17.21
N GLY B 272 4.43 11.55 16.93
CA GLY B 272 5.09 11.53 15.64
C GLY B 272 4.10 11.45 14.48
N ARG B 273 3.13 10.57 14.61
CA ARG B 273 2.10 10.38 13.57
C ARG B 273 1.06 11.50 13.53
N TYR B 274 1.24 12.51 14.40
CA TYR B 274 0.41 13.71 14.42
C TYR B 274 1.31 14.96 14.37
N SER B 275 2.49 14.80 13.77
CA SER B 275 3.54 15.81 13.87
C SER B 275 3.70 16.76 12.66
N LEU B 276 3.06 16.46 11.53
CA LEU B 276 3.28 17.27 10.32
C LEU B 276 2.94 18.75 10.53
N TRP B 277 2.08 19.02 11.52
CA TRP B 277 1.58 20.36 11.84
C TRP B 277 2.60 21.22 12.60
N SER B 278 3.63 20.55 13.11
CA SER B 278 4.67 21.19 13.92
C SER B 278 5.87 21.54 13.04
N ALA B 279 7.00 21.76 13.69
CA ALA B 279 8.30 21.97 13.04
C ALA B 279 8.60 20.88 12.01
N ILE B 280 8.09 19.67 12.26
CA ILE B 280 8.27 18.54 11.34
C ILE B 280 7.75 18.88 9.94
N GLY B 281 6.82 19.82 9.86
CA GLY B 281 6.27 20.26 8.60
C GLY B 281 7.17 21.22 7.84
N LEU B 282 8.38 21.46 8.33
CA LEU B 282 9.29 22.40 7.67
C LEU B 282 9.45 22.15 6.17
N SER B 283 9.70 20.91 5.77
CA SER B 283 9.84 20.58 4.34
C SER B 283 8.57 20.90 3.53
N ILE B 284 7.39 20.79 4.15
CA ILE B 284 6.15 21.18 3.45
C ILE B 284 6.17 22.68 3.18
N ALA B 285 6.40 23.46 4.23
CA ALA B 285 6.41 24.92 4.14
C ALA B 285 7.52 25.44 3.21
N LEU B 286 8.66 24.77 3.18
CA LEU B 286 9.72 25.15 2.24
C LEU B 286 9.34 24.90 0.78
N HIS B 287 8.62 23.80 0.55
CA HIS B 287 8.25 23.36 -0.79
C HIS B 287 7.11 24.18 -1.39
N VAL B 288 6.07 24.45 -0.61
CA VAL B 288 4.87 25.14 -1.13
C VAL B 288 4.73 26.57 -0.63
N GLY B 289 5.59 26.97 0.31
CA GLY B 289 5.55 28.31 0.84
C GLY B 289 4.84 28.32 2.18
N PHE B 290 5.23 29.27 3.03
CA PHE B 290 4.66 29.33 4.37
C PHE B 290 3.17 29.68 4.39
N ASP B 291 2.73 30.52 3.45
CA ASP B 291 1.31 30.86 3.36
C ASP B 291 0.43 29.64 3.11
N HIS B 292 0.87 28.73 2.24
CA HIS B 292 0.12 27.50 1.99
C HIS B 292 0.16 26.57 3.21
N PHE B 293 1.28 26.58 3.93
CA PHE B 293 1.37 25.79 5.15
C PHE B 293 0.40 26.31 6.21
N GLU B 294 0.24 27.64 6.27
CA GLU B 294 -0.74 28.25 7.17
C GLU B 294 -2.16 27.87 6.79
N GLN B 295 -2.42 27.79 5.49
CA GLN B 295 -3.73 27.38 5.01
C GLN B 295 -4.02 25.92 5.42
N LEU B 296 -2.99 25.08 5.35
CA LEU B 296 -3.09 23.68 5.76
C LEU B 296 -3.45 23.59 7.24
N LEU B 297 -2.76 24.37 8.06
CA LEU B 297 -3.04 24.46 9.48
C LEU B 297 -4.46 24.97 9.73
N SER B 298 -4.86 25.99 8.98
CA SER B 298 -6.21 26.59 9.12
C SER B 298 -7.33 25.58 8.82
N GLY B 299 -7.12 24.74 7.80
CA GLY B 299 -8.07 23.69 7.46
C GLY B 299 -8.25 22.69 8.58
N ALA B 300 -7.13 22.23 9.14
CA ALA B 300 -7.16 21.35 10.30
C ALA B 300 -7.91 22.03 11.46
N HIS B 301 -7.59 23.31 11.70
CA HIS B 301 -8.23 24.08 12.76
C HIS B 301 -9.75 24.13 12.60
N TRP B 302 -10.21 24.33 11.35
CA TRP B 302 -11.64 24.35 11.05
C TRP B 302 -12.25 23.03 11.48
N MET B 303 -11.64 21.92 11.06
CA MET B 303 -12.14 20.59 11.39
C MET B 303 -12.09 20.35 12.90
N ASP B 304 -11.08 20.88 13.57
CA ASP B 304 -10.97 20.73 15.02
C ASP B 304 -12.19 21.34 15.69
N GLN B 305 -12.56 22.53 15.23
CA GLN B 305 -13.71 23.27 15.76
C GLN B 305 -15.03 22.55 15.44
N HIS B 306 -15.13 22.01 14.24
CA HIS B 306 -16.27 21.16 13.88
C HIS B 306 -16.40 20.00 14.86
N PHE B 307 -15.30 19.29 15.12
CA PHE B 307 -15.26 18.16 16.03
C PHE B 307 -15.65 18.58 17.46
N LEU B 308 -15.10 19.70 17.92
CA LEU B 308 -15.30 20.17 19.29
C LEU B 308 -16.74 20.62 19.59
N LYS B 309 -17.36 21.29 18.63
CA LYS B 309 -18.62 22.01 18.87
C LYS B 309 -19.90 21.33 18.36
N THR B 310 -19.76 20.34 17.49
CA THR B 310 -20.92 19.75 16.80
C THR B 310 -21.52 18.58 17.59
N PRO B 311 -22.85 18.57 17.77
CA PRO B 311 -23.53 17.43 18.38
C PRO B 311 -23.15 16.13 17.67
N LEU B 312 -22.95 15.07 18.44
CA LEU B 312 -22.37 13.83 17.91
C LEU B 312 -23.06 13.25 16.68
N GLU B 313 -24.38 13.38 16.64
CA GLU B 313 -25.18 12.75 15.57
C GLU B 313 -24.99 13.37 14.18
N LYS B 314 -24.36 14.55 14.13
CA LYS B 314 -24.04 15.20 12.86
C LYS B 314 -22.58 15.69 12.80
N ASN B 315 -21.73 14.98 13.53
CA ASN B 315 -20.32 15.30 13.70
C ASN B 315 -19.50 14.36 12.80
N ALA B 316 -18.84 14.92 11.79
CA ALA B 316 -18.21 14.09 10.73
C ALA B 316 -17.24 13.00 11.22
N PRO B 317 -16.18 13.36 11.98
CA PRO B 317 -15.26 12.33 12.47
C PRO B 317 -15.93 11.32 13.40
N VAL B 318 -16.93 11.76 14.17
CA VAL B 318 -17.65 10.83 15.04
C VAL B 318 -18.42 9.80 14.22
N LEU B 319 -19.14 10.25 13.19
CA LEU B 319 -19.93 9.32 12.37
C LEU B 319 -19.05 8.32 11.64
N LEU B 320 -17.92 8.79 11.10
CA LEU B 320 -16.96 7.88 10.46
C LEU B 320 -16.44 6.84 11.44
N ALA B 321 -16.16 7.27 12.67
CA ALA B 321 -15.68 6.37 13.70
C ALA B 321 -16.71 5.30 14.03
N LEU B 322 -17.96 5.74 14.17
CA LEU B 322 -19.06 4.85 14.55
C LEU B 322 -19.35 3.80 13.49
N LEU B 323 -19.32 4.22 12.23
CA LEU B 323 -19.49 3.27 11.13
C LEU B 323 -18.38 2.22 11.17
N GLY B 324 -17.17 2.66 11.51
CA GLY B 324 -16.04 1.74 11.67
C GLY B 324 -16.23 0.76 12.83
N ILE B 325 -16.67 1.26 13.98
CA ILE B 325 -17.02 0.41 15.14
C ILE B 325 -18.04 -0.67 14.75
N TRP B 326 -19.08 -0.25 14.04
CA TRP B 326 -20.14 -1.13 13.53
C TRP B 326 -19.55 -2.28 12.69
N TYR B 327 -18.69 -1.94 11.74
CA TYR B 327 -18.11 -2.96 10.86
C TYR B 327 -17.05 -3.81 11.55
N ILE B 328 -16.29 -3.21 12.46
CA ILE B 328 -15.21 -3.90 13.15
C ILE B 328 -15.74 -4.79 14.26
N ASN B 329 -16.59 -4.23 15.11
CA ASN B 329 -17.02 -4.93 16.32
C ASN B 329 -18.30 -5.73 16.17
N CYS B 330 -19.08 -5.44 15.14
CA CYS B 330 -20.30 -6.22 14.90
C CYS B 330 -20.15 -7.15 13.70
N TYR B 331 -19.68 -6.62 12.57
CA TYR B 331 -19.48 -7.47 11.38
C TYR B 331 -18.15 -8.24 11.37
N GLY B 332 -17.17 -7.76 12.13
CA GLY B 332 -15.87 -8.42 12.21
C GLY B 332 -14.93 -8.17 11.05
N CYS B 333 -15.06 -7.03 10.38
CA CYS B 333 -14.21 -6.69 9.23
C CYS B 333 -12.82 -6.29 9.70
N GLU B 334 -11.80 -7.03 9.25
CA GLU B 334 -10.42 -6.79 9.67
C GLU B 334 -9.84 -5.50 9.08
N THR B 335 -10.36 -5.08 7.93
CA THR B 335 -9.70 -4.03 7.18
C THR B 335 -10.60 -2.85 6.84
N HIS B 336 -9.96 -1.78 6.38
CA HIS B 336 -10.62 -0.54 5.98
C HIS B 336 -9.77 0.02 4.83
N ALA B 337 -10.39 0.16 3.67
CA ALA B 337 -9.69 0.63 2.47
C ALA B 337 -9.89 2.12 2.26
N LEU B 338 -8.80 2.82 1.98
CA LEU B 338 -8.85 4.23 1.65
C LEU B 338 -8.53 4.39 0.18
N LEU B 339 -9.49 4.90 -0.59
CA LEU B 339 -9.41 4.90 -2.06
C LEU B 339 -9.66 6.29 -2.66
N PRO B 340 -8.62 7.14 -2.63
CA PRO B 340 -8.74 8.47 -3.22
C PRO B 340 -8.66 8.42 -4.74
N TYR B 341 -9.62 9.03 -5.42
CA TYR B 341 -9.58 9.13 -6.88
C TYR B 341 -8.80 10.38 -7.23
N ASP B 342 -7.51 10.35 -6.90
CA ASP B 342 -6.66 11.51 -7.00
C ASP B 342 -5.21 11.06 -6.94
N GLN B 343 -4.49 11.29 -8.04
CA GLN B 343 -3.10 10.88 -8.17
C GLN B 343 -2.20 11.61 -7.17
N TYR B 344 -2.48 12.88 -6.90
CA TYR B 344 -1.70 13.64 -5.93
C TYR B 344 -1.79 13.02 -4.52
N MET B 345 -2.96 12.44 -4.21
CA MET B 345 -3.18 11.75 -2.93
C MET B 345 -2.66 10.30 -2.89
N HIS B 346 -1.67 9.97 -3.71
CA HIS B 346 -1.23 8.58 -3.83
C HIS B 346 -0.57 8.01 -2.57
N ARG B 347 -0.15 8.87 -1.65
CA ARG B 347 0.43 8.42 -0.38
C ARG B 347 -0.47 8.67 0.84
N PHE B 348 -1.72 9.05 0.59
CA PHE B 348 -2.71 9.28 1.65
C PHE B 348 -3.03 8.00 2.42
N ALA B 349 -3.26 6.90 1.69
CA ALA B 349 -3.58 5.62 2.34
C ALA B 349 -2.42 5.16 3.24
N ALA B 350 -1.19 5.29 2.75
CA ALA B 350 0.01 4.92 3.52
C ALA B 350 0.21 5.79 4.76
N TYR B 351 -0.11 7.06 4.63
CA TYR B 351 -0.06 7.96 5.77
C TYR B 351 -0.98 7.48 6.88
N PHE B 352 -2.24 7.17 6.53
CA PHE B 352 -3.18 6.75 7.58
C PHE B 352 -3.06 5.30 7.97
N GLN B 353 -2.32 4.53 7.18
CA GLN B 353 -1.86 3.23 7.62
C GLN B 353 -1.10 3.39 8.93
N GLN B 354 -0.20 4.38 9.02
CA GLN B 354 0.44 4.70 10.30
C GLN B 354 -0.50 5.39 11.28
N GLY B 355 -1.18 6.44 10.84
CA GLY B 355 -2.02 7.24 11.71
C GLY B 355 -3.03 6.40 12.46
N ASP B 356 -3.67 5.48 11.73
CA ASP B 356 -4.67 4.59 12.30
C ASP B 356 -4.02 3.42 13.05
N MET B 357 -3.19 2.65 12.35
CA MET B 357 -2.71 1.38 12.89
C MET B 357 -1.76 1.53 14.08
N GLU B 358 -0.90 2.53 14.04
CA GLU B 358 0.01 2.75 15.16
C GLU B 358 -0.72 3.36 16.35
N SER B 359 -1.83 4.06 16.09
CA SER B 359 -2.65 4.59 17.17
C SER B 359 -3.47 3.50 17.83
N ASN B 360 -4.19 2.73 17.00
CA ASN B 360 -5.25 1.87 17.54
C ASN B 360 -4.99 0.36 17.46
N GLY B 361 -3.81 -0.01 16.97
CA GLY B 361 -3.33 -1.37 17.08
C GLY B 361 -2.86 -1.67 18.50
N LYS B 362 -3.83 -1.84 19.39
CA LYS B 362 -3.59 -1.93 20.83
C LYS B 362 -4.46 -3.02 21.43
N TYR B 363 -4.07 -3.53 22.60
CA TYR B 363 -4.86 -4.59 23.23
C TYR B 363 -5.05 -4.46 24.74
N ILE B 364 -4.46 -3.42 25.34
CA ILE B 364 -4.58 -3.16 26.78
C ILE B 364 -5.41 -1.90 27.01
N THR B 365 -6.42 -2.00 27.88
CA THR B 365 -7.27 -0.86 28.17
C THR B 365 -6.77 0.02 29.31
N LYS B 366 -7.48 1.13 29.52
CA LYS B 366 -7.14 2.11 30.55
C LYS B 366 -7.12 1.48 31.94
N SER B 367 -7.91 0.43 32.11
CA SER B 367 -7.95 -0.30 33.38
C SER B 367 -6.77 -1.27 33.53
N GLY B 368 -6.07 -1.54 32.43
CA GLY B 368 -5.00 -2.52 32.42
C GLY B 368 -5.45 -3.90 31.99
N ALA B 369 -6.75 -4.06 31.76
CA ALA B 369 -7.28 -5.33 31.26
C ALA B 369 -7.02 -5.50 29.78
N ARG B 370 -6.89 -6.75 29.34
CA ARG B 370 -6.79 -7.06 27.92
C ARG B 370 -8.15 -6.94 27.27
N VAL B 371 -8.22 -6.28 26.12
CA VAL B 371 -9.46 -6.27 25.34
C VAL B 371 -9.90 -7.70 25.00
N ASP B 372 -11.21 -7.91 24.98
CA ASP B 372 -11.80 -9.17 24.52
C ASP B 372 -12.68 -8.88 23.31
N HIS B 373 -12.23 -7.90 22.53
CA HIS B 373 -12.89 -7.46 21.31
C HIS B 373 -11.83 -6.92 20.35
N GLN B 374 -12.22 -6.69 19.10
CA GLN B 374 -11.32 -6.15 18.10
C GLN B 374 -11.03 -4.68 18.39
N THR B 375 -9.82 -4.24 18.05
CA THR B 375 -9.51 -2.82 18.02
C THR B 375 -9.21 -2.42 16.58
N GLY B 376 -8.15 -1.63 16.37
CA GLY B 376 -7.90 -1.01 15.07
C GLY B 376 -7.84 -1.95 13.88
N PRO B 377 -8.32 -1.50 12.73
CA PRO B 377 -8.29 -2.29 11.52
C PRO B 377 -6.98 -2.18 10.75
N ILE B 378 -6.77 -3.11 9.82
CA ILE B 378 -5.68 -2.98 8.87
C ILE B 378 -6.15 -2.01 7.80
N VAL B 379 -5.44 -0.89 7.67
CA VAL B 379 -5.76 0.16 6.69
C VAL B 379 -4.88 -0.05 5.46
N TRP B 380 -5.48 0.10 4.28
CA TRP B 380 -4.78 -0.11 3.01
C TRP B 380 -5.49 0.62 1.86
N GLY B 381 -4.88 0.58 0.68
CA GLY B 381 -5.51 1.12 -0.53
C GLY B 381 -4.52 1.72 -1.51
N GLU B 382 -5.02 1.97 -2.72
CA GLU B 382 -4.29 2.64 -3.78
C GLU B 382 -5.29 3.59 -4.47
N PRO B 383 -4.83 4.65 -5.12
CA PRO B 383 -5.76 5.56 -5.79
C PRO B 383 -6.57 4.92 -6.91
N GLY B 384 -7.81 5.39 -7.07
CA GLY B 384 -8.61 5.09 -8.24
C GLY B 384 -8.17 5.99 -9.38
N THR B 385 -8.34 5.56 -10.63
CA THR B 385 -9.07 4.33 -10.97
C THR B 385 -8.26 3.03 -10.97
N ASN B 386 -6.96 3.11 -10.72
CA ASN B 386 -6.12 1.91 -10.84
C ASN B 386 -6.64 0.68 -10.10
N GLY B 387 -7.14 0.86 -8.87
CA GLY B 387 -7.65 -0.28 -8.11
C GLY B 387 -8.73 -1.07 -8.81
N GLN B 388 -9.50 -0.39 -9.67
CA GLN B 388 -10.59 -1.02 -10.43
C GLN B 388 -10.09 -2.14 -11.34
N HIS B 389 -8.81 -2.09 -11.67
CA HIS B 389 -8.20 -3.06 -12.58
C HIS B 389 -7.45 -4.17 -11.83
N ALA B 390 -7.54 -4.14 -10.51
CA ALA B 390 -6.74 -5.00 -9.67
C ALA B 390 -7.55 -5.56 -8.50
N PHE B 391 -7.34 -5.01 -7.31
CA PHE B 391 -7.94 -5.58 -6.11
C PHE B 391 -9.46 -5.37 -5.99
N TYR B 392 -10.01 -4.47 -6.80
CA TYR B 392 -11.49 -4.31 -6.84
C TYR B 392 -12.15 -5.62 -7.29
N GLN B 393 -11.42 -6.46 -8.04
CA GLN B 393 -11.93 -7.80 -8.34
C GLN B 393 -12.36 -8.51 -7.05
N LEU B 394 -11.50 -8.45 -6.03
CA LEU B 394 -11.81 -9.10 -4.75
C LEU B 394 -12.89 -8.35 -3.96
N ILE B 395 -12.88 -7.02 -4.02
CA ILE B 395 -13.92 -6.23 -3.35
C ILE B 395 -15.30 -6.60 -3.91
N HIS B 396 -15.39 -6.74 -5.24
CA HIS B 396 -16.65 -7.07 -5.92
C HIS B 396 -17.07 -8.54 -5.78
N GLN B 397 -16.10 -9.46 -5.86
CA GLN B 397 -16.42 -10.88 -6.03
C GLN B 397 -15.70 -11.86 -5.10
N GLY B 398 -15.06 -11.35 -4.06
CA GLY B 398 -14.37 -12.20 -3.09
C GLY B 398 -15.26 -12.56 -1.92
N THR B 399 -14.63 -13.02 -0.84
CA THR B 399 -15.38 -13.56 0.30
C THR B 399 -15.20 -12.71 1.55
N LYS B 400 -14.74 -11.47 1.34
CA LYS B 400 -14.43 -10.54 2.43
C LYS B 400 -15.35 -9.34 2.36
N MET B 401 -15.78 -8.87 3.53
CA MET B 401 -16.47 -7.60 3.64
C MET B 401 -15.43 -6.52 3.91
N ILE B 402 -15.37 -5.50 3.06
CA ILE B 402 -14.34 -4.47 3.13
C ILE B 402 -14.95 -3.07 3.06
N PRO B 403 -15.13 -2.41 4.21
CA PRO B 403 -15.58 -1.02 4.21
C PRO B 403 -14.57 -0.18 3.43
N CYS B 404 -15.07 0.64 2.51
CA CYS B 404 -14.22 1.48 1.67
C CYS B 404 -14.62 2.94 1.76
N ASP B 405 -13.64 3.83 1.89
CA ASP B 405 -13.85 5.27 1.76
C ASP B 405 -13.34 5.70 0.38
N PHE B 406 -14.25 6.15 -0.46
CA PHE B 406 -13.93 6.70 -1.78
C PHE B 406 -13.83 8.21 -1.64
N LEU B 407 -12.71 8.80 -2.05
CA LEU B 407 -12.52 10.25 -1.91
C LEU B 407 -12.20 10.90 -3.24
N ILE B 408 -12.74 12.09 -3.50
CA ILE B 408 -12.44 12.80 -4.75
C ILE B 408 -12.68 14.30 -4.63
N PRO B 409 -11.82 15.13 -5.24
CA PRO B 409 -12.17 16.54 -5.45
C PRO B 409 -13.06 16.76 -6.69
N VAL B 410 -14.02 17.67 -6.56
CA VAL B 410 -14.88 18.06 -7.68
C VAL B 410 -14.08 18.75 -8.78
N GLN B 411 -13.21 19.67 -8.35
CA GLN B 411 -12.34 20.40 -9.28
C GLN B 411 -10.95 19.79 -9.27
N THR B 412 -10.43 19.52 -10.46
CA THR B 412 -9.07 19.03 -10.64
C THR B 412 -8.05 20.17 -10.77
N GLN B 413 -6.82 19.87 -10.37
CA GLN B 413 -5.69 20.79 -10.54
C GLN B 413 -5.23 20.91 -11.99
N HIS B 414 -5.67 19.97 -12.83
CA HIS B 414 -5.24 19.87 -14.23
C HIS B 414 -6.42 19.56 -15.16
N PRO B 415 -7.24 20.57 -15.48
CA PRO B 415 -8.44 20.35 -16.30
C PRO B 415 -8.12 20.25 -17.79
N ILE B 416 -7.24 19.30 -18.12
CA ILE B 416 -6.81 19.05 -19.50
C ILE B 416 -7.96 18.59 -20.40
N ARG B 417 -7.81 18.79 -21.71
CA ARG B 417 -8.85 18.41 -22.69
C ARG B 417 -10.24 18.86 -22.27
N LYS B 418 -10.34 20.13 -21.87
CA LYS B 418 -11.60 20.74 -21.44
C LYS B 418 -12.35 19.89 -20.39
N GLY B 419 -11.58 19.28 -19.50
CA GLY B 419 -12.11 18.54 -18.36
C GLY B 419 -12.49 17.10 -18.66
N LEU B 420 -12.05 16.58 -19.79
CA LEU B 420 -12.42 15.23 -20.22
C LEU B 420 -11.95 14.15 -19.26
N HIS B 421 -10.68 14.21 -18.88
CA HIS B 421 -10.11 13.25 -17.95
C HIS B 421 -10.84 13.27 -16.61
N HIS B 422 -11.13 14.47 -16.09
CA HIS B 422 -11.80 14.56 -14.79
C HIS B 422 -13.24 14.08 -14.81
N LYS B 423 -13.96 14.37 -15.91
CA LYS B 423 -15.30 13.83 -16.14
C LYS B 423 -15.30 12.31 -16.05
N ILE B 424 -14.34 11.67 -16.71
CA ILE B 424 -14.23 10.23 -16.70
C ILE B 424 -13.90 9.71 -15.30
N LEU B 425 -12.96 10.38 -14.63
CA LEU B 425 -12.59 10.03 -13.25
C LEU B 425 -13.79 10.08 -12.31
N LEU B 426 -14.54 11.20 -12.39
CA LEU B 426 -15.74 11.38 -11.57
C LEU B 426 -16.79 10.30 -11.84
N ALA B 427 -17.02 10.02 -13.12
CA ALA B 427 -18.01 9.01 -13.51
C ALA B 427 -17.63 7.64 -12.95
N ASN B 428 -16.33 7.32 -12.97
CA ASN B 428 -15.86 6.06 -12.39
C ASN B 428 -16.03 6.00 -10.88
N PHE B 429 -15.67 7.10 -10.21
CA PHE B 429 -15.88 7.28 -8.77
C PHE B 429 -17.33 6.99 -8.38
N LEU B 430 -18.27 7.59 -9.11
CA LEU B 430 -19.70 7.43 -8.84
C LEU B 430 -20.21 6.02 -9.17
N ALA B 431 -19.79 5.50 -10.32
CA ALA B 431 -20.30 4.24 -10.81
C ALA B 431 -19.84 3.04 -9.98
N GLN B 432 -18.63 3.14 -9.43
CA GLN B 432 -18.08 2.03 -8.64
C GLN B 432 -18.83 1.83 -7.33
N THR B 433 -19.11 2.92 -6.60
CA THR B 433 -19.86 2.76 -5.35
C THR B 433 -21.30 2.33 -5.61
N GLU B 434 -21.87 2.80 -6.72
CA GLU B 434 -23.22 2.38 -7.15
C GLU B 434 -23.26 0.88 -7.41
N ALA B 435 -22.25 0.37 -8.11
CA ALA B 435 -22.14 -1.04 -8.46
C ALA B 435 -21.79 -1.90 -7.25
N LEU B 436 -20.95 -1.40 -6.36
CA LEU B 436 -20.67 -2.10 -5.11
C LEU B 436 -21.94 -2.31 -4.30
N MET B 437 -22.80 -1.29 -4.29
CA MET B 437 -24.12 -1.40 -3.65
C MET B 437 -25.06 -2.36 -4.40
N LYS B 438 -25.22 -2.13 -5.70
CA LYS B 438 -26.29 -2.80 -6.46
C LYS B 438 -25.95 -4.19 -6.97
N GLY B 439 -24.67 -4.39 -7.31
CA GLY B 439 -24.25 -5.62 -7.95
C GLY B 439 -24.86 -5.73 -9.34
N LYS B 440 -24.92 -6.97 -9.84
CA LYS B 440 -25.55 -7.27 -11.11
C LYS B 440 -26.34 -8.55 -10.95
N LEU B 441 -27.61 -8.46 -11.32
CA LEU B 441 -28.54 -9.57 -11.11
C LEU B 441 -28.41 -10.62 -12.21
N PRO B 442 -28.78 -11.87 -11.91
CA PRO B 442 -28.80 -12.93 -12.93
C PRO B 442 -29.57 -12.50 -14.20
N GLU B 443 -30.70 -11.82 -14.04
CA GLU B 443 -31.55 -11.40 -15.16
C GLU B 443 -30.85 -10.36 -16.03
N GLU B 444 -29.99 -9.56 -15.41
CA GLU B 444 -29.18 -8.57 -16.12
C GLU B 444 -28.01 -9.23 -16.84
N ALA B 445 -27.26 -10.07 -16.13
CA ALA B 445 -26.14 -10.81 -16.72
C ALA B 445 -26.58 -11.73 -17.87
N ARG B 446 -27.73 -12.36 -17.72
CA ARG B 446 -28.19 -13.30 -18.75
C ARG B 446 -28.44 -12.62 -20.10
N LYS B 447 -29.01 -11.42 -20.09
CA LYS B 447 -29.25 -10.67 -21.33
C LYS B 447 -27.94 -10.37 -22.06
N GLU B 448 -26.87 -10.11 -21.31
CA GLU B 448 -25.56 -9.84 -21.91
C GLU B 448 -25.00 -11.08 -22.61
N LEU B 449 -25.16 -12.24 -21.97
CA LEU B 449 -24.71 -13.50 -22.54
C LEU B 449 -25.54 -13.90 -23.76
N GLN B 450 -26.83 -13.57 -23.72
CA GLN B 450 -27.74 -13.80 -24.85
C GLN B 450 -27.32 -12.97 -26.07
N ALA B 451 -27.06 -11.68 -25.84
CA ALA B 451 -26.59 -10.76 -26.86
C ALA B 451 -25.23 -11.15 -27.45
N ALA B 452 -24.42 -11.84 -26.67
CA ALA B 452 -23.10 -12.33 -27.12
C ALA B 452 -23.21 -13.61 -27.95
N GLY B 453 -24.43 -14.13 -28.08
CA GLY B 453 -24.70 -15.32 -28.88
C GLY B 453 -24.25 -16.61 -28.25
N LYS B 454 -24.30 -16.66 -26.91
CA LYS B 454 -23.92 -17.87 -26.20
C LYS B 454 -25.04 -18.91 -26.30
N SER B 455 -24.65 -20.17 -26.50
CA SER B 455 -25.60 -21.28 -26.49
C SER B 455 -26.22 -21.41 -25.10
N PRO B 456 -27.44 -21.95 -25.01
CA PRO B 456 -28.10 -22.12 -23.71
C PRO B 456 -27.18 -22.79 -22.68
N GLU B 457 -26.39 -23.75 -23.15
CA GLU B 457 -25.46 -24.48 -22.27
C GLU B 457 -24.23 -23.64 -21.91
N ASP B 458 -23.66 -22.91 -22.87
CA ASP B 458 -22.55 -22.00 -22.56
C ASP B 458 -22.99 -20.87 -21.64
N LEU B 459 -24.18 -20.32 -21.91
CA LEU B 459 -24.79 -19.30 -21.06
C LEU B 459 -24.94 -19.79 -19.62
N GLU B 460 -25.51 -20.99 -19.46
CA GLU B 460 -25.76 -21.54 -18.12
C GLU B 460 -24.48 -21.76 -17.32
N LYS B 461 -23.43 -22.23 -17.98
CA LYS B 461 -22.15 -22.46 -17.30
C LYS B 461 -21.50 -21.16 -16.86
N LEU B 462 -21.53 -20.15 -17.74
CA LEU B 462 -20.87 -18.88 -17.48
C LEU B 462 -21.65 -17.95 -16.54
N LEU B 463 -22.97 -18.04 -16.57
CA LEU B 463 -23.83 -17.14 -15.80
C LEU B 463 -23.42 -16.81 -14.34
N PRO B 464 -23.24 -17.79 -13.45
CA PRO B 464 -22.93 -17.46 -12.05
C PRO B 464 -21.61 -16.68 -11.88
N HIS B 465 -20.68 -16.87 -12.83
CA HIS B 465 -19.41 -16.13 -12.81
C HIS B 465 -19.57 -14.64 -13.10
N LYS B 466 -20.68 -14.28 -13.75
CA LYS B 466 -20.91 -12.91 -14.20
C LYS B 466 -21.92 -12.13 -13.33
N VAL B 467 -22.41 -12.79 -12.27
CA VAL B 467 -23.35 -12.20 -11.32
C VAL B 467 -22.60 -11.63 -10.13
N PHE B 468 -23.05 -10.46 -9.65
CA PHE B 468 -22.40 -9.77 -8.55
C PHE B 468 -23.40 -9.50 -7.44
N GLU B 469 -23.11 -10.03 -6.26
CA GLU B 469 -24.07 -10.00 -5.15
C GLU B 469 -24.32 -8.59 -4.64
N GLY B 470 -23.33 -7.71 -4.79
CA GLY B 470 -23.45 -6.34 -4.31
C GLY B 470 -23.51 -6.28 -2.80
N ASN B 471 -24.27 -5.32 -2.28
CA ASN B 471 -24.40 -5.09 -0.84
C ASN B 471 -23.07 -4.78 -0.15
N ARG B 472 -22.15 -4.20 -0.92
CA ARG B 472 -20.84 -3.82 -0.40
C ARG B 472 -20.83 -2.34 -0.05
N PRO B 473 -20.72 -2.04 1.26
CA PRO B 473 -20.90 -0.67 1.75
C PRO B 473 -19.69 0.23 1.54
N THR B 474 -19.96 1.50 1.26
CA THR B 474 -18.92 2.52 1.04
C THR B 474 -19.30 3.84 1.67
N ASN B 475 -18.29 4.66 1.92
CA ASN B 475 -18.44 6.09 2.14
C ASN B 475 -17.93 6.80 0.91
N SER B 476 -18.59 7.89 0.55
CA SER B 476 -18.13 8.76 -0.51
C SER B 476 -17.85 10.12 0.11
N ILE B 477 -16.59 10.54 0.02
CA ILE B 477 -16.18 11.82 0.57
C ILE B 477 -15.76 12.73 -0.59
N VAL B 478 -16.55 13.77 -0.84
CA VAL B 478 -16.37 14.62 -2.00
C VAL B 478 -16.16 16.05 -1.54
N PHE B 479 -15.16 16.73 -2.11
CA PHE B 479 -14.79 18.06 -1.66
C PHE B 479 -14.54 18.98 -2.84
N THR B 480 -14.77 20.27 -2.66
CA THR B 480 -14.70 21.21 -3.78
C THR B 480 -13.42 21.08 -4.61
N LYS B 481 -12.28 21.08 -3.92
CA LYS B 481 -10.97 21.05 -4.56
C LYS B 481 -9.95 20.66 -3.48
N LEU B 482 -8.91 19.93 -3.87
CA LEU B 482 -7.87 19.58 -2.91
C LEU B 482 -6.86 20.72 -2.79
N THR B 483 -7.26 21.72 -2.02
CA THR B 483 -6.41 22.85 -1.67
C THR B 483 -5.67 22.51 -0.38
N PRO B 484 -4.64 23.28 -0.01
CA PRO B 484 -3.99 23.10 1.29
C PRO B 484 -5.00 23.11 2.45
N PHE B 485 -5.93 24.06 2.43
CA PHE B 485 -6.96 24.15 3.48
C PHE B 485 -7.79 22.86 3.55
N ILE B 486 -8.33 22.46 2.41
CA ILE B 486 -9.20 21.27 2.38
C ILE B 486 -8.44 20.01 2.77
N LEU B 487 -7.20 19.87 2.29
CA LEU B 487 -6.36 18.75 2.70
C LEU B 487 -6.18 18.72 4.21
N GLY B 488 -5.87 19.88 4.79
CA GLY B 488 -5.74 20.00 6.24
C GLY B 488 -6.99 19.53 6.98
N ALA B 489 -8.15 19.94 6.48
CA ALA B 489 -9.42 19.53 7.09
C ALA B 489 -9.63 18.03 7.02
N LEU B 490 -9.30 17.44 5.86
CA LEU B 490 -9.45 16.00 5.64
C LEU B 490 -8.56 15.16 6.57
N ILE B 491 -7.30 15.59 6.72
CA ILE B 491 -6.37 14.88 7.61
C ILE B 491 -6.86 14.93 9.05
N ALA B 492 -7.24 16.13 9.50
CA ALA B 492 -7.75 16.33 10.87
C ALA B 492 -9.00 15.49 11.14
N MET B 493 -9.86 15.37 10.12
CA MET B 493 -11.08 14.58 10.20
C MET B 493 -10.78 13.12 10.54
N TYR B 494 -9.80 12.54 9.85
CA TYR B 494 -9.41 11.17 10.13
C TYR B 494 -8.66 11.05 11.45
N GLU B 495 -7.87 12.07 11.80
CA GLU B 495 -7.22 12.10 13.11
C GLU B 495 -8.28 11.95 14.20
N HIS B 496 -9.36 12.72 14.08
CA HIS B 496 -10.41 12.69 15.10
C HIS B 496 -11.28 11.43 15.04
N LYS B 497 -11.44 10.86 13.85
CA LYS B 497 -12.09 9.55 13.71
C LYS B 497 -11.33 8.52 14.57
N ILE B 498 -10.02 8.47 14.38
CA ILE B 498 -9.12 7.58 15.11
C ILE B 498 -9.22 7.80 16.64
N PHE B 499 -9.24 9.07 17.06
CA PHE B 499 -9.41 9.43 18.47
C PHE B 499 -10.68 8.83 19.07
N VAL B 500 -11.80 9.03 18.38
CA VAL B 500 -13.10 8.55 18.86
C VAL B 500 -13.12 7.03 19.00
N GLN B 501 -12.62 6.32 18.00
CA GLN B 501 -12.57 4.85 18.08
C GLN B 501 -11.71 4.38 19.25
N GLY B 502 -10.56 5.05 19.45
CA GLY B 502 -9.68 4.74 20.56
C GLY B 502 -10.37 4.87 21.91
N ILE B 503 -11.10 5.97 22.10
CA ILE B 503 -11.86 6.20 23.33
C ILE B 503 -12.91 5.11 23.55
N MET B 504 -13.62 4.76 22.49
CA MET B 504 -14.68 3.76 22.56
C MET B 504 -14.14 2.37 22.91
N TRP B 505 -12.95 2.04 22.41
CA TRP B 505 -12.27 0.79 22.74
C TRP B 505 -11.58 0.80 24.11
N ASP B 506 -11.49 1.98 24.73
CA ASP B 506 -10.85 2.17 26.05
C ASP B 506 -9.34 1.97 25.97
N ILE B 507 -8.75 2.26 24.81
CA ILE B 507 -7.31 2.12 24.63
C ILE B 507 -6.62 3.48 24.56
N ASN B 508 -5.29 3.46 24.58
CA ASN B 508 -4.49 4.67 24.41
C ASN B 508 -4.06 4.83 22.96
N SER B 509 -4.69 5.77 22.25
CA SER B 509 -4.39 6.00 20.84
C SER B 509 -3.04 6.66 20.64
N PHE B 510 -2.37 7.04 21.73
CA PHE B 510 -1.26 7.98 21.64
C PHE B 510 0.12 7.50 22.09
N ASP B 511 0.19 6.26 22.58
CA ASP B 511 1.48 5.64 22.85
C ASP B 511 1.81 4.62 21.76
N GLN B 512 2.98 4.00 21.84
CA GLN B 512 3.38 2.99 20.86
C GLN B 512 4.45 2.08 21.47
N TRP B 513 4.04 1.32 22.49
CA TRP B 513 4.96 0.43 23.19
C TRP B 513 5.33 -0.77 22.32
N GLY B 514 4.52 -1.03 21.30
CA GLY B 514 4.67 -2.21 20.46
C GLY B 514 5.87 -2.25 19.55
N VAL B 515 6.59 -1.14 19.48
CA VAL B 515 7.80 -1.04 18.64
C VAL B 515 9.08 -1.34 19.43
N GLU B 516 8.98 -1.44 20.75
CA GLU B 516 10.17 -1.54 21.60
C GLU B 516 10.94 -2.86 21.42
N LEU B 517 10.22 -3.97 21.44
CA LEU B 517 10.85 -5.30 21.40
C LEU B 517 11.71 -5.50 20.14
N GLY B 518 11.18 -5.10 18.98
CA GLY B 518 11.95 -5.18 17.74
C GLY B 518 13.26 -4.42 17.81
N LYS B 519 13.23 -3.22 18.39
CA LYS B 519 14.44 -2.39 18.52
C LYS B 519 15.47 -3.04 19.45
N GLN B 520 14.99 -3.64 20.53
CA GLN B 520 15.86 -4.31 21.51
C GLN B 520 16.58 -5.50 20.88
N LEU B 521 15.82 -6.33 20.17
CA LEU B 521 16.37 -7.54 19.57
C LEU B 521 17.35 -7.24 18.43
N ALA B 522 17.12 -6.14 17.72
CA ALA B 522 18.00 -5.70 16.63
C ALA B 522 19.36 -5.24 17.12
N LYS B 523 19.37 -4.55 18.26
CA LYS B 523 20.62 -4.10 18.85
C LYS B 523 21.52 -5.26 19.26
N LYS B 524 20.92 -6.36 19.70
CA LYS B 524 21.68 -7.55 20.07
C LYS B 524 22.24 -8.26 18.83
N ILE B 525 21.46 -8.29 17.76
CA ILE B 525 21.86 -8.99 16.53
C ILE B 525 22.91 -8.23 15.73
N GLU B 526 22.83 -6.91 15.71
CA GLU B 526 23.75 -6.07 14.92
C GLU B 526 25.24 -6.50 15.01
N PRO B 527 25.83 -6.53 16.21
CA PRO B 527 27.23 -6.94 16.34
C PRO B 527 27.46 -8.42 16.05
N GLU B 528 26.45 -9.27 16.24
CA GLU B 528 26.59 -10.70 15.95
C GLU B 528 26.84 -10.98 14.47
N LEU B 529 26.38 -10.06 13.61
CA LEU B 529 26.55 -10.23 12.17
C LEU B 529 28.00 -10.06 11.71
N GLU B 530 28.79 -9.34 12.50
CA GLU B 530 30.21 -9.13 12.23
C GLU B 530 30.99 -10.43 12.42
N GLY B 531 31.93 -10.71 11.51
CA GLY B 531 32.78 -11.87 11.63
C GLY B 531 32.16 -13.13 11.05
N SER B 532 32.94 -14.20 11.00
CA SER B 532 32.56 -15.43 10.32
C SER B 532 31.93 -16.46 11.26
N SER B 533 32.10 -16.24 12.56
CA SER B 533 31.71 -17.22 13.57
C SER B 533 30.20 -17.45 13.60
N ALA B 534 29.81 -18.69 13.87
CA ALA B 534 28.42 -19.08 13.92
C ALA B 534 27.75 -18.39 15.11
N VAL B 535 26.48 -18.02 14.93
CA VAL B 535 25.71 -17.41 16.00
C VAL B 535 24.71 -18.44 16.50
N THR B 536 24.70 -18.69 17.82
CA THR B 536 23.83 -19.70 18.41
C THR B 536 22.95 -19.17 19.54
N SER B 537 22.99 -17.87 19.78
CA SER B 537 22.34 -17.24 20.94
C SER B 537 20.81 -17.15 20.85
N HIS B 538 20.25 -17.49 19.70
CA HIS B 538 18.81 -17.32 19.49
C HIS B 538 18.12 -18.66 19.28
N ASP B 539 16.86 -18.60 18.85
CA ASP B 539 16.14 -19.75 18.32
C ASP B 539 16.81 -20.22 17.02
N SER B 540 16.50 -21.44 16.59
CA SER B 540 17.20 -22.04 15.46
C SER B 540 16.93 -21.35 14.12
N SER B 541 15.76 -20.72 13.97
CA SER B 541 15.44 -19.99 12.74
C SER B 541 16.34 -18.77 12.63
N THR B 542 16.36 -17.94 13.68
CA THR B 542 17.20 -16.74 13.72
C THR B 542 18.67 -17.11 13.52
N ASN B 543 19.12 -18.16 14.23
CA ASN B 543 20.49 -18.67 14.07
C ASN B 543 20.76 -19.10 12.64
N GLY B 544 19.79 -19.81 12.05
CA GLY B 544 19.96 -20.38 10.72
C GLY B 544 19.97 -19.31 9.63
N LEU B 545 19.13 -18.29 9.79
CA LEU B 545 19.09 -17.16 8.88
C LEU B 545 20.43 -16.39 8.92
N ILE B 546 20.96 -16.19 10.12
CA ILE B 546 22.28 -15.55 10.28
C ILE B 546 23.37 -16.37 9.59
N SER B 547 23.31 -17.70 9.74
CA SER B 547 24.27 -18.58 9.06
C SER B 547 24.22 -18.45 7.54
N PHE B 548 22.99 -18.37 7.00
CA PHE B 548 22.80 -18.23 5.57
C PHE B 548 23.37 -16.87 5.11
N ILE B 549 23.11 -15.83 5.88
CA ILE B 549 23.65 -14.50 5.60
C ILE B 549 25.19 -14.49 5.59
N LYS B 550 25.79 -15.14 6.58
CA LYS B 550 27.25 -15.20 6.65
C LYS B 550 27.85 -16.01 5.50
N GLN B 551 27.19 -17.10 5.13
CA GLN B 551 27.64 -17.93 4.02
C GLN B 551 27.51 -17.22 2.66
N GLN B 552 26.43 -16.45 2.50
CA GLN B 552 26.08 -15.91 1.19
C GLN B 552 26.65 -14.54 0.87
N ARG B 553 27.16 -13.83 1.88
CA ARG B 553 27.54 -12.44 1.67
C ARG B 553 28.81 -12.19 0.86
N ASP B 554 29.61 -13.23 0.68
CA ASP B 554 30.81 -13.09 -0.14
C ASP B 554 30.79 -13.91 -1.44
N THR B 555 29.64 -14.51 -1.72
CA THR B 555 29.40 -15.19 -2.99
C THR B 555 29.41 -14.17 -4.12
N LYS B 556 30.24 -14.42 -5.13
CA LYS B 556 30.27 -13.52 -6.29
C LYS B 556 29.37 -14.02 -7.41
N LEU B 557 28.41 -13.18 -7.80
CA LEU B 557 27.53 -13.50 -8.94
C LEU B 557 28.07 -12.86 -10.22
#